data_8S3R
#
_entry.id   8S3R
#
_cell.length_a   90.121
_cell.length_b   108.350
_cell.length_c   142.411
_cell.angle_alpha   90.00
_cell.angle_beta   90.00
_cell.angle_gamma   90.00
#
_symmetry.space_group_name_H-M   'P 21 21 21'
#
loop_
_entity.id
_entity.type
_entity.pdbx_description
1 polymer 'Phosphatidylinositol 4,5-bisphosphate 3-kinase catalytic subunit delta isoform'
2 polymer 'Phosphatidylinositol 3-kinase regulatory subunit alpha'
3 non-polymer 5-[(1~{S})-1-[4-azanyl-3-(5-oxidanylpyridin-3-yl)pyrazolo[3,4-d]pyrimidin-1-yl]ethyl]-4-cyclopentyl-2-(phenylmethyl)pyridazin-3-one
4 water water
#
loop_
_entity_poly.entity_id
_entity_poly.type
_entity_poly.pdbx_seq_one_letter_code
_entity_poly.pdbx_strand_id
1 'polypeptide(L)'
;NQSVVVDFLLPTGVYLNFPVSRNANLSTIKQLLWHRAQYEPLFHMLSGPEAYVFTCINQTAEQQELEDEQRRLCDVQPFL
PVLRLVAREGDRVKKLINSQISLLIGKGLHEFDSLCDPEVNDFRAKMCQFCEEAAARRQQLGWEAWLQYSFPLQLEPSAQ
TWGPGTLRLPNRALLVNVKFEGSEESFTFQVSTKDVPLALMACALRKKATVFRQPLVEQPEDYTLQVNGRHEYLYGSYPL
CQFQYICSCLHSGLTPHLTMVHSSSILAMRDEQSNPAPQVQKPRAKPPPIPAKKPSSVSLWSLEQPFRIELIQGSKVNAD
ERMKLVVQAGLFHGNEMLCKTVSSSEVSVCSEPVWKQRLEFDINICDLPRMARLCFALYAVIEKAKKARSTKKKSKKADC
PIAWANLMLFDYKDQLKTGERCLYMWPSVPDEKGELLNPTGTVRSNPNTDSAAALLICLPEVAPHPVYYPALEKILELGR
HSECVHVTEEEQLQLREILERRGSGELYEHEKDLVWKLRHEVQEHFPEALARLLLVTKWNKHEDVAQMLYLLCSWPELPV
LSALELLDFSFPDCHVGSFAIKSLRKLTDDELFQYLLQLVQVLKYESYLDCELTKFLLDRALANRKIGHFLFWHLRSEMH
VPSVALRFGLILEAYCRGSTHHMKVLMKQGEALSKLKALNDFVKLSSQKTPKPQTKELMHLCMRQEAYLEALSHLQSPLD
PSTLLAEVCVEQCTFMDSKMKPLWIMYSNEEAGSGGSVGIIFKNGDDLRQDMLTLQMIQLMDVLWKQEGLDLRMTPYGCL
PTGDRTGLIEVVLRSDTIANIQLNKSNMAATAAFNKDALLNWLKSKNPGEALDRAIEEFTLSCAGYCVATYVLGIGDRHS
DNIMIRESGQLFHIDFGHFLGNFKTKFGINRERVPFILTYDFVHVIQQGKTNNSEKFERFRGYCERAYTILRRHGLLFLH
LFALMRAAGLPELSCSKDIQYLKDSLALGKTEEEALKHFRVKFNEALRESWKTKVNWL
;
A
2 'polypeptide(L)'
;YQQDQVVKEDNIEAVGKKLHEYNTQFQEKSREYDRLYEDYTRTSQEIQMKRTAIEAFNETIKIFEEQCQTQERYSKEYIE
KFKREGNETEIQRIMHNYEKLKSRISEIVDSRRRLEEDLKKQAAEYREIDKRMNSIKPDLIQLRKTRDQYLMWLTQKGVR
QKKLNEWLG
;
B
#
# COMPACT_ATOMS: atom_id res chain seq x y z
N ASN A 1 -34.89 6.24 10.56
CA ASN A 1 -35.96 5.20 10.61
C ASN A 1 -35.58 3.95 9.78
N GLN A 2 -36.44 2.92 9.81
CA GLN A 2 -36.20 1.68 9.05
C GLN A 2 -36.34 1.99 7.55
N SER A 3 -37.58 2.03 7.05
CA SER A 3 -37.92 2.25 5.63
C SER A 3 -37.30 3.41 4.85
N VAL A 4 -37.36 3.28 3.53
CA VAL A 4 -36.93 4.30 2.59
C VAL A 4 -37.78 4.15 1.35
N VAL A 5 -38.09 5.30 0.76
CA VAL A 5 -38.92 5.39 -0.36
C VAL A 5 -38.01 5.11 -1.51
N VAL A 6 -38.34 4.07 -2.27
CA VAL A 6 -37.64 3.64 -3.48
C VAL A 6 -38.48 3.83 -4.78
N ASP A 7 -37.93 4.55 -5.74
CA ASP A 7 -38.41 4.63 -7.14
C ASP A 7 -38.21 3.32 -7.88
N PHE A 8 -39.25 2.77 -8.46
CA PHE A 8 -39.14 1.62 -9.36
C PHE A 8 -39.54 1.97 -10.79
N LEU A 9 -38.70 1.59 -11.75
CA LEU A 9 -38.92 1.88 -13.15
C LEU A 9 -39.18 0.58 -13.85
N LEU A 10 -40.38 0.38 -14.40
CA LEU A 10 -40.72 -0.92 -14.96
C LEU A 10 -40.47 -0.85 -16.46
N PRO A 11 -40.26 -2.00 -17.13
CA PRO A 11 -39.84 -2.01 -18.53
C PRO A 11 -40.93 -1.57 -19.51
N THR A 12 -42.17 -1.44 -19.02
CA THR A 12 -43.27 -0.84 -19.78
C THR A 12 -43.24 0.68 -19.75
N GLY A 13 -42.35 1.30 -18.97
CA GLY A 13 -42.33 2.76 -18.83
C GLY A 13 -43.05 3.22 -17.56
N VAL A 14 -43.81 2.33 -16.96
CA VAL A 14 -44.48 2.59 -15.69
C VAL A 14 -43.49 2.76 -14.50
N TYR A 15 -43.85 3.72 -13.65
CA TYR A 15 -43.08 4.19 -12.54
C TYR A 15 -43.92 4.08 -11.26
N LEU A 16 -43.41 3.36 -10.25
CA LEU A 16 -43.96 3.34 -8.90
C LEU A 16 -42.89 3.76 -7.89
N ASN A 17 -43.33 4.14 -6.71
CA ASN A 17 -42.53 4.75 -5.68
C ASN A 17 -43.22 4.23 -4.35
N PHE A 18 -42.55 3.49 -3.46
CA PHE A 18 -43.14 3.19 -2.14
C PHE A 18 -42.03 2.87 -1.11
N PRO A 19 -42.38 2.83 0.21
CA PRO A 19 -41.40 2.51 1.25
C PRO A 19 -41.10 1.06 1.24
N VAL A 20 -39.83 0.74 1.50
CA VAL A 20 -39.37 -0.63 1.75
C VAL A 20 -38.46 -0.60 2.92
N SER A 21 -38.31 -1.72 3.63
CA SER A 21 -37.29 -1.72 4.70
C SER A 21 -35.85 -1.69 4.07
N ARG A 22 -35.09 -0.72 4.53
CA ARG A 22 -33.67 -0.64 4.34
C ARG A 22 -32.92 -2.00 4.46
N ASN A 23 -33.47 -2.91 5.26
CA ASN A 23 -32.93 -4.26 5.55
C ASN A 23 -33.36 -5.37 4.66
N ALA A 24 -34.40 -5.13 3.89
CA ALA A 24 -34.99 -6.16 3.10
C ALA A 24 -34.00 -6.43 1.98
N ASN A 25 -33.90 -7.72 1.64
CA ASN A 25 -33.15 -8.16 0.52
C ASN A 25 -33.90 -7.96 -0.76
N LEU A 26 -33.17 -7.93 -1.87
CA LEU A 26 -33.76 -7.57 -3.11
C LEU A 26 -34.84 -8.53 -3.55
N SER A 27 -34.75 -9.78 -3.11
CA SER A 27 -35.72 -10.78 -3.43
C SER A 27 -37.10 -10.44 -2.81
N THR A 28 -37.08 -10.11 -1.53
CA THR A 28 -38.23 -9.57 -0.82
C THR A 28 -38.79 -8.31 -1.48
N ILE A 29 -37.92 -7.37 -1.82
CA ILE A 29 -38.34 -6.14 -2.43
C ILE A 29 -38.97 -6.40 -3.80
N LYS A 30 -38.50 -7.42 -4.49
CA LYS A 30 -39.10 -7.75 -5.77
C LYS A 30 -40.55 -8.29 -5.61
N GLN A 31 -40.79 -9.12 -4.60
CA GLN A 31 -42.14 -9.53 -4.23
C GLN A 31 -42.98 -8.31 -3.93
N LEU A 32 -42.49 -7.38 -3.09
CA LEU A 32 -43.33 -6.23 -2.74
C LEU A 32 -43.67 -5.44 -4.03
N LEU A 33 -42.75 -5.41 -4.99
CA LEU A 33 -42.91 -4.67 -6.21
C LEU A 33 -44.03 -5.24 -7.07
N TRP A 34 -44.08 -6.58 -7.16
CA TRP A 34 -45.01 -7.27 -8.01
C TRP A 34 -46.34 -7.10 -7.42
N HIS A 35 -46.43 -7.32 -6.13
CA HIS A 35 -47.65 -7.13 -5.43
C HIS A 35 -48.26 -5.72 -5.63
N ARG A 36 -47.43 -4.67 -5.76
CA ARG A 36 -48.00 -3.32 -5.96
C ARG A 36 -48.23 -3.02 -7.44
N ALA A 37 -47.43 -3.63 -8.31
CA ALA A 37 -47.52 -3.38 -9.73
C ALA A 37 -48.77 -3.97 -10.40
N GLN A 38 -49.37 -5.01 -9.81
CA GLN A 38 -50.64 -5.52 -10.37
C GLN A 38 -51.77 -4.52 -10.39
N TYR A 39 -51.67 -3.49 -9.55
CA TYR A 39 -52.65 -2.42 -9.52
C TYR A 39 -52.20 -1.17 -10.28
N GLU A 40 -51.18 -1.30 -11.11
CA GLU A 40 -50.76 -0.17 -11.90
C GLU A 40 -50.96 -0.57 -13.36
N PRO A 41 -51.00 0.41 -14.28
CA PRO A 41 -51.31 0.05 -15.68
C PRO A 41 -50.27 -0.84 -16.25
N LEU A 42 -50.68 -1.65 -17.19
CA LEU A 42 -49.82 -2.42 -18.07
C LEU A 42 -49.14 -3.60 -17.40
N PHE A 43 -49.64 -4.01 -16.21
CA PHE A 43 -49.11 -5.19 -15.53
C PHE A 43 -48.99 -6.47 -16.38
N HIS A 44 -50.05 -6.70 -17.15
CA HIS A 44 -50.33 -7.98 -17.90
C HIS A 44 -49.26 -8.31 -18.97
N MET A 45 -48.58 -7.29 -19.45
CA MET A 45 -47.42 -7.38 -20.35
C MET A 45 -46.05 -7.77 -19.72
N LEU A 46 -45.93 -7.71 -18.40
CA LEU A 46 -44.69 -8.09 -17.70
C LEU A 46 -44.55 -9.60 -17.77
N SER A 47 -43.31 -10.07 -17.90
CA SER A 47 -43.08 -11.47 -17.67
C SER A 47 -43.05 -11.61 -16.17
N GLY A 48 -42.90 -12.83 -15.72
CA GLY A 48 -42.65 -13.14 -14.33
C GLY A 48 -41.40 -12.49 -13.72
N PRO A 49 -41.36 -12.41 -12.36
CA PRO A 49 -40.32 -11.64 -11.65
C PRO A 49 -38.93 -12.13 -11.84
N GLU A 50 -38.81 -13.44 -11.93
CA GLU A 50 -37.57 -14.10 -12.27
C GLU A 50 -37.02 -13.76 -13.66
N ALA A 51 -37.81 -13.22 -14.58
CA ALA A 51 -37.31 -12.89 -15.93
C ALA A 51 -36.54 -11.58 -15.92
N TYR A 52 -36.53 -10.84 -14.81
CA TYR A 52 -35.91 -9.54 -14.76
C TYR A 52 -34.93 -9.44 -13.62
N VAL A 53 -33.97 -8.51 -13.77
CA VAL A 53 -32.99 -8.18 -12.66
C VAL A 53 -33.08 -6.70 -12.40
N PHE A 54 -32.86 -6.32 -11.16
CA PHE A 54 -32.80 -4.93 -10.76
C PHE A 54 -31.40 -4.40 -11.16
N THR A 55 -31.42 -3.16 -11.62
CA THR A 55 -30.29 -2.32 -11.83
C THR A 55 -30.34 -1.07 -10.97
N CYS A 56 -29.17 -0.64 -10.49
CA CYS A 56 -29.07 0.64 -9.80
C CYS A 56 -27.86 1.36 -10.31
N ILE A 57 -27.77 2.62 -9.94
CA ILE A 57 -26.52 3.34 -9.95
C ILE A 57 -25.85 3.15 -8.60
N ASN A 58 -24.63 2.63 -8.56
CA ASN A 58 -23.95 2.47 -7.27
C ASN A 58 -23.06 3.65 -6.85
N GLN A 59 -22.36 3.53 -5.72
CA GLN A 59 -21.62 4.67 -5.11
C GLN A 59 -20.47 5.17 -6.00
N THR A 60 -19.94 4.24 -6.78
CA THR A 60 -18.89 4.54 -7.73
C THR A 60 -19.45 5.06 -9.07
N ALA A 61 -20.76 5.35 -9.12
CA ALA A 61 -21.44 6.01 -10.24
C ALA A 61 -21.63 5.13 -11.47
N GLU A 62 -21.55 3.83 -11.29
CA GLU A 62 -21.77 2.92 -12.37
C GLU A 62 -23.09 2.24 -12.13
N GLN A 63 -23.68 1.86 -13.23
CA GLN A 63 -24.81 1.00 -13.30
C GLN A 63 -24.42 -0.40 -12.98
N GLN A 64 -25.21 -1.06 -12.14
CA GLN A 64 -24.88 -2.39 -11.72
C GLN A 64 -26.14 -3.18 -11.74
N GLU A 65 -26.07 -4.37 -12.30
CA GLU A 65 -27.13 -5.34 -12.24
C GLU A 65 -27.02 -6.24 -11.02
N LEU A 66 -28.08 -6.28 -10.22
CA LEU A 66 -28.00 -6.92 -8.91
C LEU A 66 -28.41 -8.36 -9.00
N GLU A 67 -27.50 -9.17 -9.49
CA GLU A 67 -27.70 -10.61 -9.63
C GLU A 67 -27.95 -11.41 -8.34
N ASP A 68 -27.40 -10.96 -7.24
CA ASP A 68 -27.54 -11.65 -5.96
C ASP A 68 -28.62 -10.90 -5.21
N GLU A 69 -29.77 -11.53 -5.12
CA GLU A 69 -30.97 -10.92 -4.59
C GLU A 69 -31.18 -11.25 -3.13
N GLN A 70 -30.28 -12.05 -2.58
CA GLN A 70 -30.15 -12.21 -1.14
C GLN A 70 -29.45 -11.04 -0.46
N ARG A 71 -29.02 -10.05 -1.21
N ARG A 71 -28.97 -10.07 -1.23
CA ARG A 71 -28.33 -8.91 -0.65
CA ARG A 71 -28.32 -8.88 -0.69
C ARG A 71 -29.34 -7.89 -0.19
C ARG A 71 -29.37 -7.92 -0.16
N ARG A 72 -29.05 -7.25 0.92
CA ARG A 72 -29.91 -6.27 1.50
C ARG A 72 -29.68 -4.96 0.83
N LEU A 73 -30.73 -4.18 0.75
CA LEU A 73 -30.67 -2.87 0.13
C LEU A 73 -29.60 -1.93 0.72
N CYS A 74 -29.37 -2.03 2.03
CA CYS A 74 -28.49 -1.14 2.76
C CYS A 74 -27.05 -1.51 2.47
N ASP A 75 -26.84 -2.79 2.20
CA ASP A 75 -25.54 -3.24 1.65
C ASP A 75 -25.35 -2.86 0.19
N VAL A 76 -26.38 -2.96 -0.63
CA VAL A 76 -26.23 -2.57 -2.04
C VAL A 76 -25.75 -1.14 -2.14
N GLN A 77 -26.31 -0.31 -1.30
CA GLN A 77 -25.92 1.08 -1.15
C GLN A 77 -26.02 1.85 -2.47
N PRO A 78 -27.26 1.99 -2.99
CA PRO A 78 -27.42 2.66 -4.29
C PRO A 78 -27.29 4.13 -4.14
N PHE A 79 -26.98 4.84 -5.22
CA PHE A 79 -26.57 6.22 -5.05
C PHE A 79 -27.81 6.98 -4.61
N LEU A 80 -28.88 6.82 -5.38
CA LEU A 80 -30.23 7.22 -4.98
C LEU A 80 -31.05 5.96 -4.97
N PRO A 81 -32.17 5.96 -4.23
CA PRO A 81 -32.92 4.72 -4.09
C PRO A 81 -33.83 4.57 -5.33
N VAL A 82 -33.23 4.03 -6.41
CA VAL A 82 -33.83 3.93 -7.75
C VAL A 82 -33.48 2.55 -8.19
N LEU A 83 -34.47 1.71 -8.38
CA LEU A 83 -34.24 0.39 -8.92
C LEU A 83 -34.96 0.26 -10.28
N ARG A 84 -34.27 -0.28 -11.29
CA ARG A 84 -34.78 -0.47 -12.66
C ARG A 84 -34.77 -1.92 -13.05
N LEU A 85 -35.90 -2.37 -13.57
CA LEU A 85 -36.01 -3.75 -14.05
C LEU A 85 -35.58 -3.89 -15.48
N VAL A 86 -34.61 -4.75 -15.75
CA VAL A 86 -34.11 -4.93 -17.08
C VAL A 86 -34.12 -6.41 -17.29
N ALA A 87 -34.00 -6.80 -18.54
CA ALA A 87 -33.87 -8.20 -18.97
C ALA A 87 -32.64 -8.84 -18.36
N ARG A 88 -32.59 -10.16 -18.27
CA ARG A 88 -31.37 -10.80 -17.80
C ARG A 88 -30.17 -10.78 -18.76
N GLU A 89 -30.41 -10.87 -20.07
CA GLU A 89 -29.43 -11.43 -21.00
C GLU A 89 -28.11 -10.65 -21.25
N GLY A 90 -27.12 -11.40 -21.75
CA GLY A 90 -25.98 -10.86 -22.52
C GLY A 90 -24.62 -10.92 -21.84
N ASP A 91 -24.26 -12.10 -21.33
CA ASP A 91 -22.97 -12.36 -20.63
C ASP A 91 -23.02 -11.75 -19.24
N ARG A 92 -23.78 -12.42 -18.41
CA ARG A 92 -24.04 -11.99 -17.09
C ARG A 92 -22.80 -12.14 -16.21
N VAL A 93 -21.94 -13.09 -16.58
CA VAL A 93 -20.67 -13.35 -15.92
C VAL A 93 -19.71 -12.18 -16.05
N LYS A 94 -19.57 -11.58 -17.25
CA LYS A 94 -18.62 -10.45 -17.41
C LYS A 94 -19.16 -9.28 -16.61
N LYS A 95 -20.42 -8.95 -16.90
CA LYS A 95 -21.19 -7.93 -16.19
C LYS A 95 -21.04 -8.01 -14.65
N LEU A 96 -21.24 -9.19 -14.07
CA LEU A 96 -21.13 -9.32 -12.65
C LEU A 96 -19.70 -9.07 -12.17
N ILE A 97 -18.73 -9.72 -12.80
CA ILE A 97 -17.33 -9.56 -12.42
C ILE A 97 -16.98 -8.09 -12.55
N ASN A 98 -17.31 -7.47 -13.70
CA ASN A 98 -16.97 -6.08 -13.91
C ASN A 98 -17.48 -5.18 -12.81
N SER A 99 -18.69 -5.45 -12.33
CA SER A 99 -19.33 -4.61 -11.32
C SER A 99 -18.70 -4.81 -9.98
N GLN A 100 -18.33 -6.04 -9.69
CA GLN A 100 -17.66 -6.33 -8.45
C GLN A 100 -16.27 -5.75 -8.40
N ILE A 101 -15.54 -5.72 -9.51
CA ILE A 101 -14.21 -5.19 -9.48
C ILE A 101 -14.26 -3.76 -8.96
N SER A 102 -15.16 -2.97 -9.55
CA SER A 102 -15.32 -1.53 -9.24
C SER A 102 -15.53 -1.30 -7.77
N LEU A 103 -16.40 -2.08 -7.16
CA LEU A 103 -16.70 -1.90 -5.74
C LEU A 103 -15.50 -2.29 -4.87
N LEU A 104 -14.86 -3.37 -5.21
CA LEU A 104 -13.74 -3.97 -4.47
C LEU A 104 -12.49 -3.05 -4.49
N ILE A 105 -12.16 -2.52 -5.65
CA ILE A 105 -11.01 -1.63 -5.76
C ILE A 105 -11.28 -0.20 -5.42
N GLY A 106 -12.55 0.12 -5.11
CA GLY A 106 -12.97 1.46 -4.69
C GLY A 106 -13.12 2.46 -5.81
N LYS A 107 -12.87 2.02 -7.05
CA LYS A 107 -12.73 2.90 -8.21
C LYS A 107 -13.51 2.35 -9.40
N GLY A 108 -14.48 3.12 -9.90
CA GLY A 108 -15.25 2.62 -11.02
C GLY A 108 -14.42 2.37 -12.25
N LEU A 109 -14.59 1.20 -12.90
CA LEU A 109 -13.89 0.93 -14.19
C LEU A 109 -14.13 2.01 -15.26
N HIS A 110 -15.27 2.65 -15.21
CA HIS A 110 -15.64 3.61 -16.25
C HIS A 110 -14.66 4.79 -16.19
N GLU A 111 -14.12 5.07 -15.01
CA GLU A 111 -13.13 6.16 -14.86
C GLU A 111 -11.86 5.91 -15.64
N PHE A 112 -11.58 4.66 -15.97
CA PHE A 112 -10.44 4.36 -16.85
C PHE A 112 -10.82 4.63 -18.33
N ASP A 113 -12.00 4.25 -18.76
CA ASP A 113 -12.47 4.59 -20.12
C ASP A 113 -12.51 6.13 -20.35
N SER A 114 -13.12 6.83 -19.39
CA SER A 114 -13.18 8.28 -19.36
C SER A 114 -11.88 9.00 -19.76
N LEU A 115 -10.73 8.43 -19.43
CA LEU A 115 -9.43 9.05 -19.70
C LEU A 115 -9.13 9.13 -21.17
N CYS A 116 -9.73 8.24 -21.98
CA CYS A 116 -9.47 8.21 -23.42
C CYS A 116 -7.97 8.21 -23.67
N ASP A 117 -7.30 7.25 -23.02
CA ASP A 117 -5.85 7.12 -23.01
C ASP A 117 -5.50 5.76 -23.58
N PRO A 118 -4.82 5.71 -24.75
CA PRO A 118 -4.49 4.39 -25.33
C PRO A 118 -3.54 3.55 -24.48
N GLU A 119 -2.62 4.20 -23.74
CA GLU A 119 -1.74 3.47 -22.80
C GLU A 119 -2.54 2.68 -21.77
N VAL A 120 -3.57 3.30 -21.24
CA VAL A 120 -4.45 2.65 -20.27
C VAL A 120 -5.22 1.53 -20.91
N ASN A 121 -5.77 1.78 -22.09
CA ASN A 121 -6.61 0.79 -22.79
C ASN A 121 -5.77 -0.42 -23.22
N ASP A 122 -4.55 -0.17 -23.65
CA ASP A 122 -3.58 -1.23 -23.95
C ASP A 122 -3.22 -2.02 -22.71
N PHE A 123 -3.06 -1.36 -21.56
CA PHE A 123 -2.64 -2.09 -20.34
C PHE A 123 -3.73 -3.11 -20.01
N ARG A 124 -4.97 -2.63 -19.95
CA ARG A 124 -6.11 -3.47 -19.52
C ARG A 124 -6.33 -4.63 -20.45
N ALA A 125 -6.21 -4.41 -21.75
CA ALA A 125 -6.38 -5.47 -22.75
C ALA A 125 -5.30 -6.52 -22.67
N LYS A 126 -4.06 -6.13 -22.47
CA LYS A 126 -3.01 -7.17 -22.39
C LYS A 126 -3.07 -7.96 -21.07
N MET A 127 -3.32 -7.25 -19.97
CA MET A 127 -3.07 -7.78 -18.65
C MET A 127 -4.22 -8.56 -18.18
N CYS A 128 -5.39 -8.03 -18.46
CA CYS A 128 -6.60 -8.75 -18.18
C CYS A 128 -6.65 -10.07 -18.94
N GLN A 129 -6.29 -10.07 -20.22
CA GLN A 129 -6.21 -11.30 -21.01
C GLN A 129 -5.15 -12.31 -20.49
N PHE A 130 -3.97 -11.82 -20.14
CA PHE A 130 -2.99 -12.65 -19.49
C PHE A 130 -3.53 -13.28 -18.19
N CYS A 131 -4.09 -12.44 -17.34
CA CYS A 131 -4.64 -12.88 -16.02
C CYS A 131 -5.79 -13.88 -16.13
N GLU A 132 -6.66 -13.66 -17.12
CA GLU A 132 -7.75 -14.57 -17.43
C GLU A 132 -7.30 -15.91 -17.94
N GLU A 133 -6.32 -15.88 -18.81
CA GLU A 133 -5.69 -17.10 -19.37
C GLU A 133 -5.06 -17.96 -18.27
N ALA A 134 -4.25 -17.34 -17.39
CA ALA A 134 -3.69 -18.02 -16.23
C ALA A 134 -4.80 -18.67 -15.37
N ALA A 135 -5.81 -17.91 -15.06
CA ALA A 135 -6.95 -18.44 -14.37
C ALA A 135 -7.58 -19.63 -15.09
N ALA A 136 -7.74 -19.53 -16.41
CA ALA A 136 -8.35 -20.65 -17.09
C ALA A 136 -7.40 -21.82 -17.03
N ARG A 137 -6.08 -21.59 -17.14
CA ARG A 137 -5.14 -22.72 -17.12
C ARG A 137 -5.30 -23.42 -15.77
N ARG A 138 -5.32 -22.64 -14.71
CA ARG A 138 -5.41 -23.18 -13.34
C ARG A 138 -6.61 -24.10 -13.13
N GLN A 139 -7.79 -23.76 -13.65
CA GLN A 139 -8.98 -24.65 -13.52
C GLN A 139 -8.74 -26.01 -14.17
N GLN A 140 -8.03 -26.03 -15.30
CA GLN A 140 -7.77 -27.27 -16.08
C GLN A 140 -6.62 -28.14 -15.51
N LEU A 141 -5.86 -27.65 -14.55
CA LEU A 141 -4.87 -28.45 -13.84
C LEU A 141 -5.61 -29.12 -12.67
N GLY A 142 -5.16 -30.30 -12.27
CA GLY A 142 -5.81 -31.10 -11.21
C GLY A 142 -5.76 -30.56 -9.80
N TRP A 143 -6.04 -31.43 -8.83
CA TRP A 143 -6.39 -30.94 -7.47
C TRP A 143 -5.20 -30.48 -6.66
N GLU A 144 -4.09 -31.25 -6.73
CA GLU A 144 -2.77 -30.89 -6.15
C GLU A 144 -2.41 -29.44 -6.49
N ALA A 145 -2.35 -29.17 -7.79
CA ALA A 145 -2.16 -27.81 -8.30
C ALA A 145 -3.06 -26.87 -7.55
N TRP A 146 -4.37 -27.15 -7.54
CA TRP A 146 -5.29 -26.21 -6.90
C TRP A 146 -4.97 -25.97 -5.44
N LEU A 147 -4.61 -27.05 -4.76
CA LEU A 147 -4.18 -26.97 -3.39
C LEU A 147 -2.94 -26.10 -3.23
N GLN A 148 -1.99 -26.24 -4.12
CA GLN A 148 -0.73 -25.46 -4.02
C GLN A 148 -0.95 -23.98 -4.31
N TYR A 149 -1.73 -23.71 -5.34
CA TYR A 149 -2.13 -22.35 -5.64
C TYR A 149 -2.81 -21.81 -4.40
N SER A 150 -3.82 -22.53 -3.92
CA SER A 150 -4.70 -21.90 -2.94
C SER A 150 -4.21 -21.88 -1.48
N PHE A 151 -3.46 -22.90 -1.07
CA PHE A 151 -2.99 -23.08 0.31
C PHE A 151 -1.52 -23.53 0.33
N PRO A 152 -0.62 -22.62 -0.04
CA PRO A 152 0.76 -23.01 -0.08
C PRO A 152 1.26 -23.29 1.33
N LEU A 153 2.25 -24.15 1.37
CA LEU A 153 2.78 -24.70 2.60
C LEU A 153 3.32 -23.62 3.53
N GLN A 154 3.04 -23.77 4.82
CA GLN A 154 3.53 -22.84 5.79
C GLN A 154 4.57 -23.64 6.55
N LEU A 155 5.83 -23.28 6.30
CA LEU A 155 6.98 -24.04 6.64
C LEU A 155 7.81 -23.15 7.45
N GLU A 156 8.43 -23.74 8.45
CA GLU A 156 9.45 -23.07 9.27
C GLU A 156 10.70 -22.80 8.43
N PRO A 157 11.39 -21.66 8.68
CA PRO A 157 12.71 -21.47 8.03
C PRO A 157 13.63 -22.63 8.42
N SER A 158 13.70 -23.60 7.52
CA SER A 158 14.29 -24.93 7.75
C SER A 158 13.96 -25.73 6.49
N ASN A 171 14.89 -36.74 16.43
CA ASN A 171 13.63 -37.46 16.55
C ASN A 171 13.22 -37.80 18.02
N ARG A 172 12.31 -36.98 18.54
CA ARG A 172 11.51 -37.31 19.72
C ARG A 172 10.18 -37.88 19.19
N ALA A 173 9.41 -38.55 20.02
CA ALA A 173 8.11 -39.08 19.60
C ALA A 173 7.08 -37.97 19.51
N LEU A 174 5.99 -38.23 18.78
CA LEU A 174 4.94 -37.24 18.51
C LEU A 174 3.56 -37.91 18.40
N LEU A 175 2.62 -37.60 19.31
CA LEU A 175 1.23 -38.09 19.18
C LEU A 175 0.32 -37.04 18.54
N VAL A 176 -0.53 -37.51 17.62
CA VAL A 176 -1.42 -36.65 16.82
C VAL A 176 -2.85 -37.21 16.74
N ASN A 177 -3.82 -36.33 16.91
CA ASN A 177 -5.24 -36.64 16.73
C ASN A 177 -5.64 -36.39 15.29
N VAL A 178 -5.95 -37.46 14.57
CA VAL A 178 -6.47 -37.36 13.23
C VAL A 178 -7.94 -37.80 13.24
N LYS A 179 -8.74 -37.14 12.38
CA LYS A 179 -10.12 -37.55 12.10
C LYS A 179 -10.42 -37.45 10.60
N PHE A 180 -11.61 -37.91 10.22
CA PHE A 180 -12.09 -37.84 8.84
C PHE A 180 -13.25 -36.87 8.75
N GLU A 181 -13.45 -36.40 7.53
CA GLU A 181 -14.36 -35.31 7.26
C GLU A 181 -15.76 -35.83 7.55
N GLY A 182 -16.56 -35.08 8.32
CA GLY A 182 -17.93 -35.49 8.72
C GLY A 182 -18.05 -36.73 9.62
N SER A 183 -17.35 -36.75 10.75
CA SER A 183 -17.41 -37.86 11.71
C SER A 183 -16.84 -37.44 13.06
N GLU A 184 -17.68 -37.52 14.09
CA GLU A 184 -17.33 -37.21 15.48
C GLU A 184 -16.05 -37.92 15.95
N GLU A 185 -15.97 -39.24 15.72
CA GLU A 185 -14.88 -40.07 16.25
C GLU A 185 -13.52 -39.69 15.67
N SER A 186 -12.50 -39.82 16.52
CA SER A 186 -11.13 -39.37 16.24
C SER A 186 -10.07 -40.39 16.72
N PHE A 187 -8.87 -40.29 16.14
CA PHE A 187 -7.84 -41.34 16.23
C PHE A 187 -6.54 -40.67 16.69
N THR A 188 -6.17 -40.94 17.95
CA THR A 188 -4.96 -40.42 18.57
C THR A 188 -3.88 -41.48 18.53
N PHE A 189 -2.70 -41.15 18.01
CA PHE A 189 -1.57 -42.08 17.96
C PHE A 189 -0.20 -41.41 17.73
N GLN A 190 0.84 -41.98 18.36
CA GLN A 190 2.25 -41.53 18.18
C GLN A 190 2.73 -41.77 16.75
N VAL A 191 3.61 -40.89 16.28
CA VAL A 191 4.08 -40.94 14.89
C VAL A 191 5.50 -40.33 14.71
N SER A 192 6.06 -40.62 13.54
CA SER A 192 7.35 -40.12 13.08
C SER A 192 7.46 -38.59 13.00
N THR A 193 8.08 -37.99 14.00
CA THR A 193 8.46 -36.55 13.95
C THR A 193 9.20 -36.14 12.67
N LYS A 194 9.91 -37.08 12.04
CA LYS A 194 10.58 -36.88 10.74
C LYS A 194 10.06 -37.73 9.53
N ASP A 195 8.82 -38.23 9.57
CA ASP A 195 8.27 -38.94 8.37
C ASP A 195 7.26 -38.05 7.69
N VAL A 196 7.57 -37.74 6.43
CA VAL A 196 6.69 -37.16 5.43
C VAL A 196 5.18 -37.47 5.66
N PRO A 197 4.28 -36.44 5.63
CA PRO A 197 2.84 -36.47 5.88
C PRO A 197 2.07 -37.63 5.31
N LEU A 198 2.37 -38.00 4.07
CA LEU A 198 1.81 -39.22 3.45
C LEU A 198 1.74 -40.39 4.43
N ALA A 199 2.85 -40.65 5.11
CA ALA A 199 2.94 -41.75 6.05
C ALA A 199 2.02 -41.61 7.27
N LEU A 200 1.72 -40.38 7.67
CA LEU A 200 0.67 -40.12 8.68
C LEU A 200 -0.69 -40.54 8.13
N MET A 201 -0.94 -40.17 6.88
CA MET A 201 -2.21 -40.49 6.21
C MET A 201 -2.32 -42.00 6.01
N ALA A 202 -1.31 -42.58 5.37
CA ALA A 202 -1.29 -44.04 5.12
C ALA A 202 -1.53 -44.84 6.40
N CYS A 203 -0.96 -44.35 7.47
CA CYS A 203 -1.18 -44.89 8.79
C CYS A 203 -2.61 -44.69 9.23
N ALA A 204 -3.12 -43.46 9.16
CA ALA A 204 -4.46 -43.19 9.70
C ALA A 204 -5.59 -44.03 9.09
N LEU A 205 -5.43 -44.45 7.85
CA LEU A 205 -6.40 -45.36 7.20
C LEU A 205 -6.56 -46.69 7.95
N ARG A 206 -5.50 -47.15 8.59
CA ARG A 206 -5.52 -48.40 9.30
C ARG A 206 -6.11 -48.21 10.71
N PRO A 220 -4.78 -43.22 0.49
CA PRO A 220 -3.59 -42.51 0.94
C PRO A 220 -3.27 -41.35 0.03
N GLU A 221 -2.83 -41.60 -1.20
CA GLU A 221 -2.40 -40.51 -2.12
C GLU A 221 -3.56 -39.65 -2.62
N ASP A 222 -4.79 -40.03 -2.29
CA ASP A 222 -5.97 -39.24 -2.61
C ASP A 222 -6.47 -38.45 -1.42
N TYR A 223 -5.55 -38.07 -0.54
CA TYR A 223 -5.90 -37.21 0.60
C TYR A 223 -4.88 -36.09 0.80
N THR A 224 -5.29 -35.09 1.57
CA THR A 224 -4.38 -34.21 2.30
C THR A 224 -4.87 -34.16 3.73
N LEU A 225 -4.09 -33.49 4.57
CA LEU A 225 -4.47 -33.26 5.95
C LEU A 225 -4.73 -31.79 6.14
N GLN A 226 -5.85 -31.50 6.76
CA GLN A 226 -6.19 -30.14 7.09
C GLN A 226 -5.89 -29.99 8.57
N VAL A 227 -5.43 -28.80 8.94
CA VAL A 227 -5.33 -28.41 10.32
C VAL A 227 -6.72 -28.02 10.77
N ASN A 228 -7.24 -28.69 11.79
CA ASN A 228 -8.60 -28.43 12.22
C ASN A 228 -8.89 -26.97 12.46
N GLY A 229 -10.02 -26.56 11.91
CA GLY A 229 -10.50 -25.20 12.03
C GLY A 229 -9.68 -24.09 11.39
N ARG A 230 -8.80 -24.48 10.44
CA ARG A 230 -8.00 -23.54 9.64
C ARG A 230 -7.84 -24.04 8.24
N HIS A 231 -7.72 -23.12 7.26
CA HIS A 231 -7.26 -23.51 5.93
C HIS A 231 -5.73 -23.63 5.85
N GLU A 232 -5.12 -24.48 6.70
CA GLU A 232 -3.70 -24.85 6.56
C GLU A 232 -3.78 -26.32 6.22
N TYR A 233 -2.95 -26.73 5.29
CA TYR A 233 -2.93 -28.09 4.84
C TYR A 233 -1.51 -28.57 4.88
N LEU A 234 -1.41 -29.87 5.15
CA LEU A 234 -0.14 -30.59 5.26
C LEU A 234 0.00 -31.60 4.12
N TYR A 235 1.00 -31.35 3.27
CA TYR A 235 1.30 -32.17 2.10
C TYR A 235 2.75 -31.95 1.59
N GLY A 236 3.18 -32.74 0.61
CA GLY A 236 4.45 -32.50 -0.08
C GLY A 236 5.53 -33.39 0.49
N SER A 237 6.73 -33.26 -0.05
CA SER A 237 7.84 -34.14 0.35
C SER A 237 8.65 -33.74 1.64
N TYR A 238 8.16 -32.75 2.39
CA TYR A 238 8.82 -32.30 3.64
C TYR A 238 8.39 -33.11 4.87
N PRO A 239 9.19 -33.09 5.97
CA PRO A 239 8.87 -33.79 7.23
C PRO A 239 8.04 -32.97 8.22
N LEU A 240 7.45 -33.65 9.17
CA LEU A 240 6.33 -33.05 9.89
C LEU A 240 6.67 -31.82 10.72
N CYS A 241 7.82 -31.83 11.37
CA CYS A 241 8.20 -30.69 12.19
C CYS A 241 8.73 -29.49 11.38
N GLN A 242 8.79 -29.59 10.05
CA GLN A 242 9.03 -28.38 9.23
C GLN A 242 7.81 -27.52 9.07
N PHE A 243 6.64 -28.00 9.48
CA PHE A 243 5.39 -27.21 9.32
C PHE A 243 5.25 -26.32 10.57
N GLN A 244 4.88 -25.04 10.37
CA GLN A 244 4.58 -24.09 11.48
C GLN A 244 3.68 -24.72 12.56
N TYR A 245 2.57 -25.33 12.11
CA TYR A 245 1.54 -25.85 13.02
C TYR A 245 2.13 -26.89 13.97
N ILE A 246 2.78 -27.87 13.35
CA ILE A 246 3.43 -28.91 14.08
C ILE A 246 4.45 -28.32 15.01
N CYS A 247 5.33 -27.50 14.43
CA CYS A 247 6.47 -26.96 15.17
C CYS A 247 5.97 -26.17 16.39
N SER A 248 4.89 -25.40 16.21
CA SER A 248 4.28 -24.68 17.34
C SER A 248 3.69 -25.67 18.37
N CYS A 249 3.03 -26.73 17.91
CA CYS A 249 2.52 -27.79 18.81
C CYS A 249 3.56 -28.45 19.69
N LEU A 250 4.69 -28.86 19.09
CA LEU A 250 5.81 -29.45 19.83
C LEU A 250 6.34 -28.57 21.00
N HIS A 251 6.65 -27.32 20.65
CA HIS A 251 7.08 -26.29 21.59
C HIS A 251 6.07 -26.01 22.72
N SER A 252 4.81 -25.85 22.36
CA SER A 252 3.71 -25.69 23.32
C SER A 252 3.46 -26.94 24.16
N GLY A 253 3.70 -28.11 23.58
CA GLY A 253 3.34 -29.40 24.20
C GLY A 253 1.98 -29.96 23.75
N LEU A 254 1.22 -29.16 22.98
CA LEU A 254 -0.12 -29.51 22.53
C LEU A 254 -0.13 -30.62 21.49
N THR A 255 -1.23 -31.36 21.47
CA THR A 255 -1.41 -32.50 20.59
C THR A 255 -1.95 -31.97 19.26
N PRO A 256 -1.23 -32.19 18.15
CA PRO A 256 -1.87 -31.74 16.89
C PRO A 256 -3.28 -32.33 16.67
N HIS A 257 -4.16 -31.58 16.00
CA HIS A 257 -5.55 -32.00 15.70
C HIS A 257 -5.79 -31.77 14.22
N LEU A 258 -5.91 -32.87 13.48
CA LEU A 258 -6.02 -32.85 12.02
C LEU A 258 -7.26 -33.57 11.51
N THR A 259 -7.58 -33.27 10.26
CA THR A 259 -8.70 -33.87 9.53
C THR A 259 -8.18 -34.37 8.19
N MET A 260 -8.36 -35.65 7.88
CA MET A 260 -8.14 -36.17 6.52
C MET A 260 -9.27 -35.72 5.59
N VAL A 261 -8.91 -35.23 4.39
CA VAL A 261 -9.87 -34.68 3.41
C VAL A 261 -9.58 -35.30 2.04
N HIS A 262 -10.61 -35.83 1.41
CA HIS A 262 -10.50 -36.55 0.16
C HIS A 262 -10.36 -35.56 -1.04
N SER A 263 -9.66 -35.95 -2.11
CA SER A 263 -9.48 -35.15 -3.33
C SER A 263 -10.72 -34.38 -3.81
N SER A 264 -11.81 -35.14 -3.93
CA SER A 264 -13.13 -34.71 -4.34
C SER A 264 -13.64 -33.55 -3.52
N SER A 265 -13.43 -33.63 -2.21
CA SER A 265 -13.79 -32.55 -1.33
C SER A 265 -12.90 -31.30 -1.56
N ILE A 266 -11.72 -31.48 -2.14
CA ILE A 266 -10.88 -30.32 -2.63
C ILE A 266 -11.29 -29.80 -4.02
N LEU A 267 -11.56 -30.71 -4.94
CA LEU A 267 -12.24 -30.30 -6.19
C LEU A 267 -13.53 -29.53 -5.89
N ALA A 268 -14.30 -29.97 -4.88
CA ALA A 268 -15.55 -29.24 -4.47
C ALA A 268 -15.40 -27.82 -3.93
N MET A 269 -14.19 -27.41 -3.49
CA MET A 269 -13.87 -25.98 -3.24
C MET A 269 -13.45 -25.28 -4.53
N ARG A 270 -12.64 -25.95 -5.33
CA ARG A 270 -12.24 -25.37 -6.61
C ARG A 270 -13.52 -25.10 -7.41
N ASP A 271 -14.36 -26.13 -7.55
CA ASP A 271 -15.57 -26.05 -8.36
C ASP A 271 -16.67 -25.17 -7.79
N GLU A 272 -16.64 -24.91 -6.48
CA GLU A 272 -17.59 -24.02 -5.81
C GLU A 272 -16.90 -23.20 -4.71
N SER A 299 17.40 6.64 -37.60
CA SER A 299 16.38 7.69 -37.76
C SER A 299 16.43 8.72 -36.60
N LEU A 300 16.09 8.32 -35.35
CA LEU A 300 16.33 9.21 -34.16
C LEU A 300 17.81 9.67 -34.06
N TRP A 301 18.74 8.79 -34.43
CA TRP A 301 20.16 9.11 -34.34
C TRP A 301 20.66 9.91 -35.53
N SER A 302 19.76 10.55 -36.25
CA SER A 302 20.14 11.44 -37.36
C SER A 302 19.49 12.82 -37.18
N LEU A 303 19.19 13.17 -35.92
CA LEU A 303 18.52 14.43 -35.59
C LEU A 303 19.38 15.31 -34.66
N GLU A 304 20.48 15.85 -35.22
CA GLU A 304 21.44 16.70 -34.48
C GLU A 304 20.91 18.10 -34.15
N GLN A 305 19.65 18.40 -34.47
CA GLN A 305 18.99 19.64 -34.02
C GLN A 305 18.83 19.58 -32.50
N PRO A 306 19.01 20.72 -31.78
CA PRO A 306 18.83 20.62 -30.32
C PRO A 306 17.37 20.43 -29.86
N PHE A 307 17.22 19.81 -28.70
CA PHE A 307 15.94 19.66 -28.04
C PHE A 307 15.40 21.01 -27.56
N ARG A 308 14.12 21.25 -27.87
CA ARG A 308 13.45 22.50 -27.58
C ARG A 308 11.99 22.26 -27.21
N ILE A 309 11.46 23.21 -26.44
CA ILE A 309 10.03 23.24 -26.13
C ILE A 309 9.48 24.65 -26.26
N GLU A 310 8.15 24.72 -26.32
CA GLU A 310 7.46 26.00 -26.34
C GLU A 310 6.63 26.03 -25.07
N LEU A 311 6.94 27.01 -24.22
CA LEU A 311 6.21 27.24 -23.01
C LEU A 311 5.09 28.20 -23.39
N ILE A 312 3.84 27.77 -23.33
CA ILE A 312 2.76 28.64 -23.74
C ILE A 312 2.21 29.42 -22.53
N GLN A 313 1.49 28.71 -21.69
CA GLN A 313 0.60 29.33 -20.72
C GLN A 313 0.48 28.43 -19.47
N GLY A 314 0.17 29.06 -18.35
CA GLY A 314 -0.28 28.38 -17.15
C GLY A 314 -1.75 28.67 -16.95
N SER A 315 -2.40 27.89 -16.10
CA SER A 315 -3.77 28.16 -15.69
C SER A 315 -3.99 27.79 -14.25
N LYS A 316 -4.89 28.53 -13.60
CA LYS A 316 -5.33 28.30 -12.22
C LYS A 316 -4.18 28.35 -11.19
N VAL A 317 -3.32 29.32 -11.40
CA VAL A 317 -2.21 29.58 -10.49
C VAL A 317 -2.72 30.45 -9.37
N ASN A 318 -2.37 30.08 -8.16
CA ASN A 318 -2.81 30.73 -6.94
C ASN A 318 -1.59 31.24 -6.18
N ALA A 319 -1.13 32.42 -6.54
CA ALA A 319 0.05 32.98 -5.93
C ALA A 319 -0.14 34.44 -5.53
N ASP A 320 0.82 34.92 -4.75
CA ASP A 320 0.82 36.27 -4.20
C ASP A 320 0.92 37.26 -5.37
N GLU A 321 -0.03 38.18 -5.47
CA GLU A 321 -0.10 39.11 -6.60
C GLU A 321 1.03 40.18 -6.64
N ARG A 322 1.73 40.39 -5.54
CA ARG A 322 2.89 41.29 -5.54
C ARG A 322 4.05 40.66 -6.35
N MET A 323 4.28 39.37 -6.13
CA MET A 323 5.39 38.61 -6.72
C MET A 323 5.28 38.44 -8.24
N LYS A 324 6.28 37.79 -8.85
CA LYS A 324 6.24 37.42 -10.27
C LYS A 324 6.52 35.94 -10.42
N LEU A 325 6.13 35.36 -11.56
CA LEU A 325 6.12 33.90 -11.81
C LEU A 325 7.16 33.45 -12.85
N VAL A 326 7.85 32.35 -12.55
CA VAL A 326 8.90 31.78 -13.41
C VAL A 326 8.70 30.28 -13.48
N VAL A 327 8.94 29.69 -14.64
CA VAL A 327 8.98 28.25 -14.82
C VAL A 327 10.42 27.87 -15.00
N GLN A 328 10.89 26.90 -14.25
CA GLN A 328 12.19 26.28 -14.47
C GLN A 328 11.96 24.92 -15.14
N ALA A 329 12.76 24.61 -16.15
CA ALA A 329 12.71 23.32 -16.83
C ALA A 329 14.09 22.68 -16.93
N GLY A 330 14.15 21.36 -16.68
CA GLY A 330 15.40 20.59 -16.83
C GLY A 330 15.13 19.22 -17.42
N LEU A 331 16.19 18.56 -17.90
CA LEU A 331 16.09 17.21 -18.46
C LEU A 331 16.84 16.23 -17.57
N PHE A 332 16.20 15.09 -17.28
CA PHE A 332 16.80 14.09 -16.43
C PHE A 332 16.70 12.69 -16.97
N HIS A 333 17.65 11.87 -16.50
CA HIS A 333 17.56 10.44 -16.57
C HIS A 333 17.74 9.91 -15.17
N GLY A 334 16.68 9.34 -14.64
CA GLY A 334 16.63 9.11 -13.23
C GLY A 334 16.82 10.41 -12.45
N ASN A 335 17.82 10.41 -11.63
CA ASN A 335 18.11 11.53 -10.76
C ASN A 335 19.25 12.44 -11.28
N GLU A 336 20.02 11.99 -12.29
CA GLU A 336 20.99 12.86 -13.02
C GLU A 336 20.45 13.81 -14.17
N MET A 337 20.92 15.04 -14.12
CA MET A 337 20.68 16.03 -15.15
C MET A 337 21.37 15.63 -16.46
N LEU A 338 20.63 15.72 -17.56
CA LEU A 338 21.13 15.41 -18.88
C LEU A 338 21.90 16.60 -19.44
N CYS A 339 21.38 17.81 -19.25
CA CYS A 339 22.09 19.07 -19.51
C CYS A 339 21.76 20.09 -18.42
N LYS A 340 22.26 21.33 -18.54
CA LYS A 340 21.91 22.45 -17.63
C LYS A 340 20.42 22.81 -17.73
N THR A 341 19.95 23.57 -16.75
CA THR A 341 18.55 23.95 -16.73
C THR A 341 18.41 25.25 -17.50
N VAL A 342 17.19 25.52 -17.97
CA VAL A 342 16.85 26.78 -18.65
C VAL A 342 15.55 27.32 -18.06
N SER A 343 15.44 28.65 -17.92
CA SER A 343 14.32 29.30 -17.22
C SER A 343 13.55 30.29 -18.11
N SER A 344 12.27 30.52 -17.77
CA SER A 344 11.42 31.55 -18.39
C SER A 344 11.83 32.93 -17.97
N SER A 345 11.19 33.93 -18.59
CA SER A 345 11.21 35.28 -18.07
C SER A 345 10.25 35.36 -16.90
N GLU A 346 10.48 36.33 -16.02
CA GLU A 346 9.45 36.76 -15.12
C GLU A 346 8.24 37.34 -15.92
N VAL A 347 7.07 36.91 -15.51
CA VAL A 347 5.80 37.46 -15.90
C VAL A 347 5.10 37.78 -14.58
N SER A 348 4.22 38.77 -14.62
CA SER A 348 3.47 39.13 -13.42
C SER A 348 2.61 37.95 -12.94
N VAL A 349 2.40 37.87 -11.63
CA VAL A 349 1.50 36.87 -11.08
C VAL A 349 0.12 37.14 -11.67
N CYS A 350 -0.49 36.10 -12.20
CA CYS A 350 -1.92 36.07 -12.45
C CYS A 350 -2.34 34.61 -12.43
N SER A 351 -3.65 34.40 -12.40
CA SER A 351 -4.25 33.09 -12.49
C SER A 351 -3.89 32.32 -13.73
N GLU A 352 -3.73 33.03 -14.84
CA GLU A 352 -3.65 32.45 -16.16
C GLU A 352 -2.47 33.09 -16.90
N PRO A 353 -1.24 32.91 -16.38
CA PRO A 353 -0.08 33.63 -16.93
C PRO A 353 0.33 33.10 -18.28
N VAL A 354 0.92 33.97 -19.10
CA VAL A 354 1.23 33.69 -20.51
C VAL A 354 2.66 34.03 -20.81
N TRP A 355 3.43 33.02 -21.26
CA TRP A 355 4.86 33.18 -21.62
C TRP A 355 5.08 33.20 -23.12
N LYS A 356 4.65 32.12 -23.79
CA LYS A 356 4.87 31.93 -25.24
C LYS A 356 6.34 32.13 -25.64
N GLN A 357 7.25 31.46 -24.93
CA GLN A 357 8.69 31.48 -25.26
C GLN A 357 9.20 30.11 -25.59
N ARG A 358 10.14 30.08 -26.52
CA ARG A 358 10.93 28.89 -26.81
C ARG A 358 11.91 28.74 -25.63
N LEU A 359 12.01 27.54 -25.08
CA LEU A 359 13.10 27.18 -24.16
C LEU A 359 13.96 26.17 -24.90
N GLU A 360 15.26 26.48 -25.05
CA GLU A 360 16.20 25.63 -25.79
C GLU A 360 17.25 25.01 -24.86
N PHE A 361 17.33 23.68 -24.91
CA PHE A 361 18.29 22.93 -24.09
C PHE A 361 19.60 22.60 -24.80
N ASP A 362 20.64 22.34 -23.99
CA ASP A 362 22.00 22.04 -24.47
C ASP A 362 22.26 20.52 -24.57
N ILE A 363 21.48 19.90 -25.45
CA ILE A 363 21.60 18.48 -25.83
C ILE A 363 20.81 18.33 -27.15
N ASN A 364 21.30 17.48 -28.05
CA ASN A 364 20.56 17.15 -29.28
C ASN A 364 19.56 16.00 -29.11
N ILE A 365 18.50 16.06 -29.91
CA ILE A 365 17.47 15.03 -29.97
C ILE A 365 18.08 13.66 -30.16
N CYS A 366 19.14 13.54 -30.97
CA CYS A 366 19.80 12.25 -31.14
C CYS A 366 20.43 11.65 -29.85
N ASP A 367 20.68 12.49 -28.83
CA ASP A 367 21.37 12.08 -27.60
C ASP A 367 20.44 11.65 -26.45
N LEU A 368 19.23 12.22 -26.43
CA LEU A 368 18.19 11.93 -25.42
C LEU A 368 17.96 10.45 -25.22
N PRO A 369 18.16 9.93 -23.98
CA PRO A 369 17.91 8.49 -23.76
C PRO A 369 16.44 8.11 -23.66
N ARG A 370 16.17 6.82 -23.73
CA ARG A 370 14.80 6.33 -23.73
C ARG A 370 13.96 6.84 -22.60
N MET A 371 14.59 6.88 -21.44
CA MET A 371 13.85 7.24 -20.24
C MET A 371 14.01 8.72 -19.90
N ALA A 372 14.37 9.53 -20.89
CA ALA A 372 14.50 10.97 -20.69
C ALA A 372 13.19 11.55 -20.25
N ARG A 373 13.35 12.49 -19.34
CA ARG A 373 12.28 13.00 -18.51
C ARG A 373 12.45 14.54 -18.39
N LEU A 374 11.43 15.27 -18.81
CA LEU A 374 11.40 16.74 -18.80
C LEU A 374 10.62 17.09 -17.58
N CYS A 375 11.24 17.95 -16.77
CA CYS A 375 10.78 18.29 -15.49
C CYS A 375 10.67 19.81 -15.36
N PHE A 376 9.48 20.29 -14.97
CA PHE A 376 9.14 21.68 -14.77
C PHE A 376 8.91 22.03 -13.34
N ALA A 377 9.13 23.28 -12.98
CA ALA A 377 8.68 23.75 -11.66
C ALA A 377 8.21 25.15 -11.82
N LEU A 378 7.08 25.48 -11.23
CA LEU A 378 6.55 26.84 -11.30
C LEU A 378 6.89 27.44 -9.95
N TYR A 379 7.47 28.62 -10.03
CA TYR A 379 8.08 29.31 -8.92
C TYR A 379 7.57 30.73 -8.95
N ALA A 380 7.42 31.31 -7.77
CA ALA A 380 7.16 32.72 -7.63
C ALA A 380 8.40 33.37 -7.04
N VAL A 381 8.85 34.47 -7.63
CA VAL A 381 10.04 35.18 -7.18
C VAL A 381 9.63 36.57 -6.78
N ILE A 382 10.25 37.10 -5.72
CA ILE A 382 10.10 38.54 -5.40
C ILE A 382 10.93 39.41 -6.39
N GLU A 383 10.31 39.71 -7.54
CA GLU A 383 10.75 40.65 -8.64
C GLU A 383 12.17 41.27 -8.51
N LYS A 384 13.14 40.74 -9.29
CA LYS A 384 14.56 41.13 -9.17
C LYS A 384 14.77 42.66 -9.22
N ALA A 385 15.37 43.22 -8.18
CA ALA A 385 15.47 44.67 -7.99
C ALA A 385 16.88 45.12 -7.58
N ALA A 398 13.74 33.94 -0.22
CA ALA A 398 12.97 32.68 -0.31
C ALA A 398 12.06 32.72 -1.52
N ASP A 399 12.48 32.03 -2.57
CA ASP A 399 11.63 31.81 -3.74
C ASP A 399 10.55 30.83 -3.32
N CYS A 400 9.31 31.11 -3.72
CA CYS A 400 8.20 30.22 -3.41
C CYS A 400 8.17 29.17 -4.51
N PRO A 401 8.45 27.90 -4.16
CA PRO A 401 8.16 26.87 -5.16
C PRO A 401 6.66 26.58 -5.15
N ILE A 402 5.96 26.84 -6.26
CA ILE A 402 4.51 26.67 -6.32
C ILE A 402 4.15 25.21 -6.53
N ALA A 403 4.61 24.66 -7.62
CA ALA A 403 4.13 23.37 -8.08
C ALA A 403 5.10 22.85 -9.12
N TRP A 404 4.92 21.60 -9.52
CA TRP A 404 5.91 20.90 -10.35
C TRP A 404 5.26 19.82 -11.19
N ALA A 405 5.93 19.39 -12.24
CA ALA A 405 5.37 18.33 -13.12
C ALA A 405 6.40 17.85 -14.07
N ASN A 406 6.36 16.54 -14.33
CA ASN A 406 7.34 15.84 -15.12
C ASN A 406 6.68 15.15 -16.26
N LEU A 407 7.44 14.94 -17.30
CA LEU A 407 6.90 14.50 -18.53
C LEU A 407 7.96 13.67 -19.19
N MET A 408 7.61 12.44 -19.55
CA MET A 408 8.47 11.57 -20.35
C MET A 408 8.46 12.20 -21.74
N LEU A 409 9.58 12.18 -22.47
CA LEU A 409 9.68 12.73 -23.85
C LEU A 409 9.35 11.71 -24.97
N PHE A 410 9.55 10.43 -24.69
CA PHE A 410 9.12 9.31 -25.52
C PHE A 410 7.94 8.72 -24.84
N ASP A 411 7.02 8.20 -25.65
CA ASP A 411 5.79 7.60 -25.17
C ASP A 411 5.99 6.08 -24.91
N TYR A 412 4.94 5.44 -24.43
CA TYR A 412 4.97 4.05 -24.07
C TYR A 412 5.22 3.09 -25.19
N LYS A 413 5.03 3.52 -26.44
CA LYS A 413 5.27 2.64 -27.58
C LYS A 413 6.59 2.99 -28.31
N ASP A 414 7.36 3.89 -27.69
CA ASP A 414 8.74 4.27 -28.06
C ASP A 414 8.86 5.51 -28.93
N GLN A 415 7.73 6.14 -29.22
CA GLN A 415 7.69 7.25 -30.17
C GLN A 415 8.03 8.54 -29.47
N LEU A 416 8.86 9.37 -30.11
CA LEU A 416 9.17 10.67 -29.54
C LEU A 416 7.92 11.54 -29.67
N LYS A 417 7.49 12.10 -28.55
CA LYS A 417 6.24 12.88 -28.52
C LYS A 417 6.35 14.16 -29.31
N THR A 418 5.21 14.57 -29.89
CA THR A 418 5.09 15.87 -30.52
C THR A 418 3.78 16.51 -30.09
N GLY A 419 3.71 17.83 -30.21
CA GLY A 419 2.47 18.58 -30.07
C GLY A 419 2.28 19.23 -28.72
N GLU A 420 1.05 19.68 -28.47
CA GLU A 420 0.66 20.35 -27.24
C GLU A 420 0.43 19.34 -26.12
N ARG A 421 0.80 19.70 -24.88
CA ARG A 421 0.44 18.92 -23.69
C ARG A 421 -0.02 19.85 -22.60
N CYS A 422 -0.98 19.41 -21.80
CA CYS A 422 -1.49 20.15 -20.65
C CYS A 422 -1.03 19.38 -19.42
N LEU A 423 -0.18 19.94 -18.58
CA LEU A 423 0.38 19.19 -17.44
C LEU A 423 -0.34 19.69 -16.23
N TYR A 424 -1.21 18.86 -15.62
CA TYR A 424 -1.85 19.25 -14.38
C TYR A 424 -0.81 18.98 -13.27
N MET A 425 -0.37 20.06 -12.65
CA MET A 425 0.79 20.09 -11.77
C MET A 425 0.43 19.68 -10.37
N TRP A 426 1.47 19.29 -9.62
CA TRP A 426 1.33 18.93 -8.19
C TRP A 426 1.95 20.01 -7.36
N PRO A 427 1.37 20.29 -6.20
CA PRO A 427 1.97 21.33 -5.42
C PRO A 427 3.28 20.89 -4.73
N SER A 428 4.18 21.85 -4.61
CA SER A 428 5.45 21.63 -4.09
C SER A 428 5.26 21.77 -2.61
N VAL A 429 6.03 20.95 -1.91
CA VAL A 429 6.05 20.83 -0.48
C VAL A 429 7.43 21.33 -0.11
N PRO A 430 7.51 22.24 0.86
CA PRO A 430 8.81 22.73 1.23
C PRO A 430 9.44 21.66 2.13
N ASP A 431 10.48 21.02 1.58
CA ASP A 431 11.20 19.93 2.26
C ASP A 431 12.68 20.28 2.46
N GLU A 432 13.41 19.41 3.17
CA GLU A 432 14.79 19.67 3.62
C GLU A 432 15.82 19.86 2.48
N LYS A 433 15.63 19.16 1.37
CA LYS A 433 16.51 19.26 0.20
C LYS A 433 16.36 20.59 -0.55
N GLY A 434 15.11 21.01 -0.78
CA GLY A 434 14.80 22.23 -1.52
C GLY A 434 15.45 22.30 -2.90
N GLU A 435 15.34 21.22 -3.66
CA GLU A 435 15.88 21.20 -5.02
C GLU A 435 14.95 22.03 -5.91
N LEU A 436 15.56 22.63 -6.93
CA LEU A 436 14.87 23.33 -8.01
C LEU A 436 13.58 22.58 -8.45
N LEU A 437 13.82 21.36 -8.87
CA LEU A 437 12.90 20.56 -9.56
C LEU A 437 12.79 19.26 -8.81
N ASN A 438 11.81 18.48 -9.20
CA ASN A 438 11.49 17.25 -8.54
C ASN A 438 11.53 16.06 -9.53
N PRO A 439 12.73 15.77 -10.09
CA PRO A 439 12.88 14.71 -11.10
C PRO A 439 12.43 13.30 -10.66
N THR A 440 12.55 13.03 -9.37
CA THR A 440 12.05 11.79 -8.76
C THR A 440 10.53 11.62 -8.83
N GLY A 441 9.77 12.72 -8.77
CA GLY A 441 8.32 12.65 -8.80
C GLY A 441 7.71 11.89 -9.96
N THR A 442 6.42 11.63 -9.86
CA THR A 442 5.72 10.83 -10.82
C THR A 442 5.57 11.57 -12.18
N VAL A 443 5.43 10.83 -13.25
CA VAL A 443 5.18 11.35 -14.57
C VAL A 443 3.67 11.37 -14.88
N ARG A 444 2.86 10.84 -13.97
CA ARG A 444 1.40 10.95 -14.07
C ARG A 444 0.93 12.36 -13.75
N SER A 445 -0.01 12.87 -14.53
CA SER A 445 -0.57 14.19 -14.28
C SER A 445 -1.56 14.11 -13.12
N ASN A 446 -1.73 15.24 -12.47
CA ASN A 446 -2.57 15.33 -11.31
C ASN A 446 -3.97 15.04 -11.81
N PRO A 447 -4.70 14.11 -11.16
CA PRO A 447 -6.02 13.79 -11.70
C PRO A 447 -7.11 14.75 -11.28
N ASN A 448 -6.87 15.68 -10.35
CA ASN A 448 -7.85 16.76 -10.10
C ASN A 448 -7.74 17.77 -11.22
N THR A 449 -8.12 17.35 -12.42
CA THR A 449 -8.00 18.21 -13.60
C THR A 449 -8.88 19.41 -13.52
N ASP A 450 -9.95 19.35 -12.73
CA ASP A 450 -10.87 20.51 -12.71
C ASP A 450 -10.35 21.74 -11.95
N SER A 451 -9.57 21.53 -10.87
CA SER A 451 -9.07 22.62 -10.03
C SER A 451 -7.50 22.82 -9.90
N ALA A 452 -6.70 21.83 -10.30
CA ALA A 452 -5.24 21.96 -10.23
C ALA A 452 -4.70 22.99 -11.17
N ALA A 453 -3.55 23.59 -10.82
CA ALA A 453 -2.82 24.46 -11.73
C ALA A 453 -2.26 23.63 -12.89
N ALA A 454 -2.12 24.22 -14.08
CA ALA A 454 -1.55 23.49 -15.22
C ALA A 454 -0.59 24.32 -16.05
N LEU A 455 0.22 23.63 -16.83
CA LEU A 455 1.11 24.25 -17.77
C LEU A 455 0.72 23.72 -19.08
N LEU A 456 0.73 24.61 -20.07
CA LEU A 456 0.45 24.27 -21.43
C LEU A 456 1.76 24.51 -22.18
N ILE A 457 2.23 23.46 -22.82
CA ILE A 457 3.51 23.46 -23.53
C ILE A 457 3.29 22.79 -24.86
N CYS A 458 4.24 22.99 -25.76
CA CYS A 458 4.21 22.41 -27.08
C CYS A 458 5.57 21.81 -27.50
N LEU A 459 5.65 20.49 -27.58
CA LEU A 459 6.77 19.82 -28.21
C LEU A 459 6.62 20.07 -29.69
N PRO A 460 7.69 20.55 -30.36
CA PRO A 460 7.59 20.84 -31.76
C PRO A 460 7.75 19.56 -32.60
N GLU A 461 7.54 19.72 -33.89
CA GLU A 461 7.82 18.68 -34.88
C GLU A 461 9.32 18.63 -35.09
N VAL A 462 9.76 17.50 -35.62
CA VAL A 462 11.18 17.27 -35.84
C VAL A 462 11.43 16.69 -37.23
N ALA A 463 10.60 15.73 -37.64
CA ALA A 463 10.63 15.17 -38.98
C ALA A 463 9.18 15.03 -39.49
N PRO A 464 8.99 14.97 -40.82
CA PRO A 464 7.66 14.71 -41.41
C PRO A 464 7.04 13.32 -41.15
N HIS A 465 7.83 12.40 -40.58
CA HIS A 465 7.34 11.10 -40.11
C HIS A 465 7.46 11.02 -38.59
N PRO A 466 6.76 10.07 -37.93
CA PRO A 466 7.11 9.75 -36.55
C PRO A 466 8.53 9.22 -36.41
N VAL A 467 9.16 9.45 -35.24
CA VAL A 467 10.46 8.85 -34.89
C VAL A 467 10.34 8.11 -33.57
N TYR A 468 11.05 6.98 -33.52
CA TYR A 468 10.99 6.02 -32.44
C TYR A 468 12.39 5.93 -31.85
N TYR A 469 12.52 5.69 -30.54
CA TYR A 469 13.85 5.43 -29.97
C TYR A 469 14.30 4.16 -30.70
N PRO A 470 15.57 4.04 -31.05
CA PRO A 470 15.85 2.87 -31.92
C PRO A 470 15.59 1.50 -31.31
N ALA A 471 15.31 0.51 -32.15
CA ALA A 471 15.02 -0.87 -31.68
C ALA A 471 16.30 -1.48 -31.14
N LEU A 472 16.12 -2.50 -30.31
CA LEU A 472 17.27 -3.19 -29.73
C LEU A 472 18.34 -3.51 -30.79
N GLU A 473 17.93 -4.07 -31.93
CA GLU A 473 18.85 -4.48 -33.01
C GLU A 473 19.84 -3.37 -33.33
N LYS A 474 19.31 -2.18 -33.55
CA LYS A 474 20.11 -1.03 -33.95
C LYS A 474 20.96 -0.52 -32.77
N ILE A 475 20.47 -0.70 -31.55
CA ILE A 475 21.27 -0.38 -30.36
C ILE A 475 22.52 -1.28 -30.26
N LEU A 476 22.37 -2.57 -30.49
CA LEU A 476 23.53 -3.47 -30.50
C LEU A 476 24.42 -3.34 -31.77
N GLU A 477 23.80 -2.99 -32.91
CA GLU A 477 24.57 -2.57 -34.11
C GLU A 477 25.62 -1.54 -33.64
N LEU A 478 25.16 -0.43 -33.07
CA LEU A 478 26.06 0.66 -32.64
C LEU A 478 26.90 0.28 -31.43
N GLY A 479 26.27 -0.44 -30.50
CA GLY A 479 26.84 -0.75 -29.19
C GLY A 479 28.15 -1.53 -29.15
N ARG A 480 28.31 -2.52 -30.01
CA ARG A 480 29.53 -3.37 -30.01
C ARG A 480 30.78 -2.60 -30.53
N HIS A 481 31.93 -2.86 -29.90
CA HIS A 481 33.19 -2.10 -30.13
C HIS A 481 32.99 -0.58 -30.01
N VAL A 487 44.63 -2.69 -21.86
CA VAL A 487 44.67 -3.85 -20.95
C VAL A 487 45.44 -3.67 -19.61
N THR A 488 45.87 -2.43 -19.31
CA THR A 488 47.03 -2.18 -18.41
C THR A 488 46.88 -2.74 -16.98
N GLU A 489 48.02 -3.12 -16.39
CA GLU A 489 48.08 -3.72 -15.04
C GLU A 489 47.95 -2.66 -13.93
N GLU A 490 48.52 -1.48 -14.14
CA GLU A 490 48.35 -0.31 -13.24
C GLU A 490 46.85 0.10 -13.13
N GLU A 491 46.16 0.08 -14.27
CA GLU A 491 44.73 0.32 -14.35
C GLU A 491 43.87 -0.82 -13.70
N GLN A 492 44.30 -2.07 -13.85
CA GLN A 492 43.66 -3.24 -13.22
C GLN A 492 43.80 -3.31 -11.66
N LEU A 493 44.69 -2.50 -11.08
CA LEU A 493 44.82 -2.36 -9.61
C LEU A 493 44.08 -1.14 -9.03
N GLN A 494 44.05 -0.04 -9.77
CA GLN A 494 43.21 1.14 -9.45
C GLN A 494 41.71 0.79 -9.47
N LEU A 495 41.29 -0.03 -10.44
CA LEU A 495 39.86 -0.43 -10.52
C LEU A 495 39.46 -1.31 -9.36
N ARG A 496 40.28 -2.34 -9.11
CA ARG A 496 40.08 -3.34 -8.05
C ARG A 496 39.95 -2.61 -6.71
N GLU A 497 40.88 -1.68 -6.50
CA GLU A 497 40.86 -0.69 -5.40
C GLU A 497 39.49 -0.01 -5.25
N ILE A 498 39.04 0.61 -6.33
CA ILE A 498 37.75 1.31 -6.34
C ILE A 498 36.56 0.40 -6.01
N LEU A 499 36.55 -0.82 -6.55
CA LEU A 499 35.41 -1.74 -6.34
C LEU A 499 35.48 -2.57 -5.06
N GLU A 500 36.68 -2.95 -4.61
CA GLU A 500 36.83 -3.47 -3.25
C GLU A 500 36.45 -2.40 -2.20
N ARG A 501 36.48 -1.13 -2.62
CA ARG A 501 35.82 0.04 -2.01
C ARG A 501 36.79 0.86 -1.17
N LEU A 507 30.67 7.97 -6.39
CA LEU A 507 31.99 8.03 -7.04
C LEU A 507 32.30 9.41 -7.62
N TYR A 508 33.59 9.69 -7.79
CA TYR A 508 34.09 11.02 -8.16
C TYR A 508 34.51 11.07 -9.62
N GLU A 509 34.46 12.28 -10.18
CA GLU A 509 34.82 12.57 -11.59
C GLU A 509 35.91 11.68 -12.17
N HIS A 510 37.02 11.58 -11.45
CA HIS A 510 38.24 10.91 -11.91
C HIS A 510 38.13 9.38 -12.05
N GLU A 511 37.41 8.79 -11.12
CA GLU A 511 37.21 7.34 -11.08
C GLU A 511 36.14 6.87 -12.08
N LYS A 512 35.09 7.68 -12.28
CA LYS A 512 34.09 7.48 -13.36
C LYS A 512 34.71 7.28 -14.75
N ASP A 513 35.71 8.08 -15.10
CA ASP A 513 36.43 7.94 -16.40
C ASP A 513 37.17 6.62 -16.52
N LEU A 514 37.65 6.11 -15.37
CA LEU A 514 38.43 4.88 -15.37
C LEU A 514 37.54 3.71 -15.53
N VAL A 515 36.51 3.67 -14.71
CA VAL A 515 35.52 2.62 -14.77
C VAL A 515 34.86 2.57 -16.18
N TRP A 516 34.66 3.73 -16.84
CA TRP A 516 34.05 3.72 -18.17
C TRP A 516 34.99 3.13 -19.17
N LYS A 517 36.23 3.60 -19.14
CA LYS A 517 37.36 3.00 -19.88
C LYS A 517 37.43 1.46 -19.70
N LEU A 518 37.37 0.97 -18.46
CA LEU A 518 37.59 -0.47 -18.16
C LEU A 518 36.27 -1.20 -17.90
N ARG A 519 35.25 -0.80 -18.63
CA ARG A 519 33.92 -1.36 -18.44
C ARG A 519 33.90 -2.86 -18.78
N HIS A 520 34.65 -3.27 -19.79
CA HIS A 520 34.73 -4.72 -20.17
C HIS A 520 35.30 -5.55 -19.02
N GLU A 521 36.32 -5.03 -18.34
CA GLU A 521 36.91 -5.67 -17.15
C GLU A 521 35.88 -5.81 -16.02
N VAL A 522 35.19 -4.71 -15.70
CA VAL A 522 34.07 -4.75 -14.74
C VAL A 522 33.10 -5.89 -15.01
N GLN A 523 32.80 -6.17 -16.30
CA GLN A 523 31.82 -7.23 -16.64
C GLN A 523 32.41 -8.62 -16.43
N GLU A 524 33.62 -8.82 -16.94
CA GLU A 524 34.41 -10.06 -16.76
C GLU A 524 34.65 -10.39 -15.28
N HIS A 525 35.22 -9.44 -14.55
CA HIS A 525 35.75 -9.68 -13.20
C HIS A 525 34.91 -9.20 -12.04
N PHE A 526 34.05 -8.20 -12.26
CA PHE A 526 33.30 -7.59 -11.15
C PHE A 526 31.81 -7.45 -11.47
N PRO A 527 31.18 -8.53 -11.96
CA PRO A 527 29.80 -8.43 -12.41
C PRO A 527 28.91 -7.75 -11.38
N GLU A 528 29.16 -8.04 -10.10
CA GLU A 528 28.42 -7.42 -9.01
C GLU A 528 28.48 -5.88 -8.96
N ALA A 529 29.42 -5.25 -9.67
CA ALA A 529 29.47 -3.77 -9.72
C ALA A 529 28.72 -3.13 -10.90
N LEU A 530 27.75 -3.84 -11.45
CA LEU A 530 26.94 -3.32 -12.55
C LEU A 530 26.35 -1.97 -12.18
N ALA A 531 25.74 -1.89 -11.00
CA ALA A 531 25.16 -0.62 -10.48
C ALA A 531 26.06 0.60 -10.59
N ARG A 532 27.32 0.45 -10.22
CA ARG A 532 28.30 1.54 -10.33
C ARG A 532 28.60 1.99 -11.76
N LEU A 533 28.72 1.01 -12.62
CA LEU A 533 29.02 1.24 -14.04
C LEU A 533 27.85 1.95 -14.72
N LEU A 534 26.63 1.53 -14.35
CA LEU A 534 25.44 2.18 -14.83
C LEU A 534 25.38 3.67 -14.48
N LEU A 535 25.90 4.04 -13.30
CA LEU A 535 25.91 5.46 -12.88
C LEU A 535 27.02 6.27 -13.48
N VAL A 536 28.13 5.63 -13.83
CA VAL A 536 29.21 6.36 -14.47
C VAL A 536 28.83 6.70 -15.92
N THR A 537 28.03 5.85 -16.55
CA THR A 537 27.68 5.96 -17.95
C THR A 537 26.98 7.26 -18.24
N LYS A 538 27.27 7.82 -19.41
CA LYS A 538 26.80 9.18 -19.77
C LYS A 538 25.50 9.14 -20.55
N TRP A 539 24.40 9.26 -19.83
CA TRP A 539 23.09 9.01 -20.42
C TRP A 539 22.64 10.13 -21.38
N ASN A 540 23.45 11.21 -21.49
CA ASN A 540 23.31 12.32 -22.47
C ASN A 540 24.12 12.20 -23.80
N LYS A 541 24.36 10.97 -24.22
CA LYS A 541 25.30 10.63 -25.30
C LYS A 541 24.87 9.26 -25.82
N HIS A 542 24.20 9.21 -26.98
CA HIS A 542 23.58 7.93 -27.46
C HIS A 542 24.64 6.84 -27.77
N GLU A 543 25.84 7.28 -28.15
CA GLU A 543 26.98 6.37 -28.28
C GLU A 543 27.28 5.60 -26.98
N ASP A 544 27.45 6.32 -25.86
CA ASP A 544 27.74 5.73 -24.54
C ASP A 544 26.64 4.80 -24.12
N VAL A 545 25.45 5.33 -24.21
CA VAL A 545 24.29 4.58 -23.88
C VAL A 545 24.25 3.29 -24.71
N ALA A 546 24.62 3.34 -25.99
CA ALA A 546 24.52 2.14 -26.82
C ALA A 546 25.55 1.12 -26.37
N GLN A 547 26.76 1.59 -26.14
CA GLN A 547 27.83 0.77 -25.56
C GLN A 547 27.42 0.12 -24.20
N MET A 548 26.92 0.90 -23.23
CA MET A 548 26.52 0.33 -21.91
C MET A 548 25.50 -0.77 -22.02
N LEU A 549 24.53 -0.55 -22.89
CA LEU A 549 23.47 -1.52 -23.12
C LEU A 549 23.97 -2.80 -23.80
N TYR A 550 24.99 -2.67 -24.65
CA TYR A 550 25.63 -3.83 -25.27
C TYR A 550 26.15 -4.82 -24.23
N LEU A 551 26.85 -4.29 -23.22
CA LEU A 551 27.39 -5.11 -22.13
C LEU A 551 26.26 -5.64 -21.29
N LEU A 552 25.30 -4.76 -21.03
CA LEU A 552 24.18 -5.10 -20.20
C LEU A 552 23.45 -6.35 -20.70
N CYS A 553 23.41 -6.51 -22.01
CA CYS A 553 22.71 -7.64 -22.64
C CYS A 553 23.41 -8.99 -22.55
N SER A 554 24.74 -9.01 -22.49
CA SER A 554 25.46 -10.22 -22.08
C SER A 554 25.89 -10.22 -20.58
N TRP A 555 25.37 -9.32 -19.75
CA TRP A 555 25.78 -9.29 -18.33
C TRP A 555 25.26 -10.54 -17.67
N PRO A 556 26.11 -11.31 -16.93
CA PRO A 556 25.63 -12.52 -16.24
C PRO A 556 24.72 -12.17 -15.10
N GLU A 557 23.93 -13.17 -14.68
CA GLU A 557 22.84 -13.00 -13.76
C GLU A 557 23.43 -12.70 -12.38
N LEU A 558 22.82 -11.72 -11.73
CA LEU A 558 23.23 -11.29 -10.39
C LEU A 558 22.34 -11.86 -9.29
N PRO A 559 22.87 -11.98 -8.05
CA PRO A 559 22.04 -12.51 -6.96
C PRO A 559 20.87 -11.60 -6.59
N VAL A 560 19.86 -12.14 -5.91
CA VAL A 560 18.67 -11.37 -5.50
C VAL A 560 19.06 -10.05 -4.90
N LEU A 561 20.04 -10.12 -4.02
CA LEU A 561 20.48 -8.95 -3.29
C LEU A 561 20.86 -7.79 -4.22
N SER A 562 21.61 -8.09 -5.26
CA SER A 562 22.10 -7.07 -6.19
C SER A 562 20.95 -6.56 -7.05
N ALA A 563 20.08 -7.48 -7.42
CA ALA A 563 18.92 -7.11 -8.19
C ALA A 563 18.08 -6.10 -7.43
N LEU A 564 17.97 -6.27 -6.10
CA LEU A 564 17.12 -5.35 -5.33
C LEU A 564 17.70 -3.94 -5.43
N GLU A 565 19.03 -3.78 -5.43
CA GLU A 565 19.58 -2.45 -5.63
C GLU A 565 19.15 -1.79 -6.93
N LEU A 566 19.07 -2.59 -8.01
CA LEU A 566 18.84 -2.11 -9.35
C LEU A 566 17.42 -1.67 -9.61
N LEU A 567 16.51 -1.98 -8.70
CA LEU A 567 15.14 -1.55 -8.83
C LEU A 567 14.94 -0.14 -8.24
N ASP A 568 15.99 0.49 -7.73
CA ASP A 568 15.86 1.86 -7.24
C ASP A 568 15.74 2.92 -8.39
N PHE A 569 15.19 4.11 -8.05
CA PHE A 569 15.03 5.26 -8.97
C PHE A 569 16.27 5.70 -9.71
N SER A 570 17.46 5.45 -9.19
CA SER A 570 18.70 5.80 -9.90
C SER A 570 18.94 5.04 -11.26
N PHE A 571 18.14 4.00 -11.53
CA PHE A 571 18.31 3.07 -12.64
C PHE A 571 17.02 3.04 -13.46
N PRO A 572 16.71 4.17 -14.13
CA PRO A 572 15.39 4.28 -14.77
C PRO A 572 15.26 3.48 -16.09
N ASP A 573 16.37 2.98 -16.63
CA ASP A 573 16.33 2.35 -17.94
C ASP A 573 15.68 0.99 -17.91
N CYS A 574 14.84 0.72 -18.89
CA CYS A 574 13.95 -0.42 -18.90
C CYS A 574 14.73 -1.73 -19.15
N HIS A 575 15.84 -1.64 -19.87
CA HIS A 575 16.79 -2.77 -19.95
C HIS A 575 17.30 -3.14 -18.53
N VAL A 576 17.52 -2.14 -17.70
CA VAL A 576 18.02 -2.40 -16.34
C VAL A 576 16.96 -3.07 -15.48
N GLY A 577 15.75 -2.49 -15.51
CA GLY A 577 14.57 -3.04 -14.82
C GLY A 577 14.36 -4.47 -15.23
N SER A 578 14.49 -4.72 -16.52
CA SER A 578 14.24 -6.04 -17.03
C SER A 578 15.35 -7.04 -16.58
N PHE A 579 16.61 -6.60 -16.56
CA PHE A 579 17.67 -7.44 -16.09
C PHE A 579 17.47 -7.74 -14.58
N ALA A 580 17.07 -6.73 -13.82
CA ALA A 580 16.75 -6.93 -12.42
C ALA A 580 15.68 -7.97 -12.17
N ILE A 581 14.52 -7.83 -12.79
CA ILE A 581 13.42 -8.80 -12.66
C ILE A 581 13.83 -10.21 -13.04
N LYS A 582 14.62 -10.33 -14.09
CA LYS A 582 15.18 -11.62 -14.50
C LYS A 582 15.93 -12.32 -13.38
N SER A 583 16.66 -11.53 -12.59
CA SER A 583 17.35 -12.02 -11.36
C SER A 583 16.40 -12.25 -10.18
N LEU A 584 15.29 -11.51 -10.06
CA LEU A 584 14.24 -11.79 -9.03
C LEU A 584 13.34 -13.02 -9.24
N ARG A 585 13.30 -13.54 -10.45
CA ARG A 585 12.54 -14.75 -10.76
C ARG A 585 12.94 -16.01 -10.07
N LYS A 586 14.17 -16.07 -9.59
CA LYS A 586 14.60 -17.19 -8.76
C LYS A 586 14.09 -17.19 -7.32
N LEU A 587 13.52 -16.09 -6.87
CA LEU A 587 12.86 -16.00 -5.56
C LEU A 587 11.83 -17.05 -5.39
N THR A 588 11.90 -17.76 -4.25
CA THR A 588 10.81 -18.58 -3.70
C THR A 588 9.68 -17.63 -3.23
N ASP A 589 8.49 -18.18 -3.15
CA ASP A 589 7.34 -17.44 -2.65
C ASP A 589 7.51 -16.95 -1.19
N ASP A 590 8.12 -17.77 -0.35
CA ASP A 590 8.52 -17.37 1.05
C ASP A 590 9.46 -16.18 1.04
N GLU A 591 10.47 -16.18 0.18
CA GLU A 591 11.38 -15.06 0.17
C GLU A 591 10.78 -13.83 -0.45
N LEU A 592 10.06 -13.98 -1.56
CA LEU A 592 9.42 -12.83 -2.21
C LEU A 592 8.47 -12.11 -1.31
N PHE A 593 7.83 -12.87 -0.45
CA PHE A 593 6.88 -12.37 0.49
C PHE A 593 7.55 -11.47 1.53
N GLN A 594 8.77 -11.83 1.93
CA GLN A 594 9.52 -10.93 2.81
C GLN A 594 9.73 -9.57 2.15
N TYR A 595 9.75 -9.46 0.80
CA TYR A 595 10.08 -8.17 0.14
C TYR A 595 8.89 -7.55 -0.56
N LEU A 596 7.71 -8.12 -0.38
CA LEU A 596 6.58 -7.77 -1.21
C LEU A 596 6.26 -6.32 -1.13
N LEU A 597 6.29 -5.79 0.08
CA LEU A 597 5.95 -4.41 0.28
C LEU A 597 6.89 -3.45 -0.40
N GLN A 598 8.17 -3.79 -0.50
CA GLN A 598 9.09 -2.79 -1.08
C GLN A 598 8.89 -2.79 -2.60
N LEU A 599 8.68 -3.99 -3.11
CA LEU A 599 8.46 -4.17 -4.52
C LEU A 599 7.24 -3.37 -4.95
N VAL A 600 6.19 -3.37 -4.12
CA VAL A 600 5.07 -2.50 -4.39
C VAL A 600 5.40 -1.03 -4.45
N GLN A 601 6.13 -0.54 -3.49
CA GLN A 601 6.43 0.88 -3.52
C GLN A 601 7.22 1.37 -4.72
N VAL A 602 8.07 0.50 -5.24
CA VAL A 602 8.92 0.79 -6.37
C VAL A 602 8.10 1.03 -7.63
N LEU A 603 6.86 0.55 -7.68
CA LEU A 603 5.95 0.89 -8.77
C LEU A 603 5.79 2.39 -8.92
N LYS A 604 5.95 3.13 -7.84
CA LYS A 604 5.87 4.58 -7.92
C LYS A 604 6.97 5.24 -8.73
N TYR A 605 8.00 4.50 -9.03
CA TYR A 605 9.13 5.05 -9.73
C TYR A 605 9.01 4.74 -11.24
N GLU A 606 8.12 3.86 -11.61
CA GLU A 606 7.96 3.49 -13.00
C GLU A 606 7.45 4.69 -13.82
N SER A 607 7.71 4.71 -15.11
CA SER A 607 7.17 5.76 -16.00
C SER A 607 5.88 5.33 -16.74
N TYR A 608 5.94 4.12 -17.31
CA TYR A 608 4.84 3.54 -18.04
C TYR A 608 4.07 2.60 -17.17
N LEU A 609 2.85 2.31 -17.62
CA LEU A 609 1.93 1.43 -16.94
C LEU A 609 2.29 -0.04 -17.17
N ASP A 610 2.48 -0.45 -18.42
CA ASP A 610 2.92 -1.85 -18.69
C ASP A 610 4.42 -1.87 -18.40
N CYS A 611 4.84 -2.49 -17.31
CA CYS A 611 6.27 -2.65 -17.01
C CYS A 611 6.55 -4.09 -16.58
N GLU A 612 7.81 -4.51 -16.55
CA GLU A 612 8.16 -5.86 -16.10
C GLU A 612 7.90 -6.17 -14.59
N LEU A 613 8.15 -5.20 -13.73
CA LEU A 613 7.87 -5.41 -12.32
C LEU A 613 6.35 -5.70 -12.14
N THR A 614 5.48 -4.94 -12.79
CA THR A 614 4.01 -5.23 -12.72
C THR A 614 3.69 -6.63 -13.19
N LYS A 615 4.24 -6.95 -14.31
CA LYS A 615 4.03 -8.29 -14.88
C LYS A 615 4.55 -9.40 -13.97
N PHE A 616 5.73 -9.20 -13.39
CA PHE A 616 6.29 -10.17 -12.41
C PHE A 616 5.38 -10.30 -11.17
N LEU A 617 4.87 -9.20 -10.65
CA LEU A 617 4.02 -9.23 -9.44
C LEU A 617 2.68 -9.91 -9.70
N LEU A 618 2.11 -9.62 -10.88
CA LEU A 618 0.92 -10.28 -11.30
C LEU A 618 1.18 -11.76 -11.52
N ASP A 619 2.27 -12.11 -12.20
CA ASP A 619 2.63 -13.58 -12.33
C ASP A 619 2.61 -14.32 -11.02
N ARG A 620 3.26 -13.75 -10.03
CA ARG A 620 3.49 -14.45 -8.78
C ARG A 620 2.15 -14.41 -8.00
N ALA A 621 1.43 -13.29 -8.02
CA ALA A 621 0.02 -13.27 -7.46
C ALA A 621 -0.92 -14.34 -8.02
N LEU A 622 -0.71 -14.66 -9.29
CA LEU A 622 -1.55 -15.64 -9.98
C LEU A 622 -1.12 -17.05 -9.69
N ALA A 623 0.17 -17.26 -9.45
CA ALA A 623 0.62 -18.59 -9.12
C ALA A 623 0.43 -18.94 -7.61
N ASN A 624 0.34 -17.95 -6.74
CA ASN A 624 0.25 -18.18 -5.29
C ASN A 624 -0.80 -17.28 -4.68
N ARG A 625 -1.85 -17.85 -4.13
CA ARG A 625 -3.01 -17.04 -3.62
C ARG A 625 -2.67 -16.13 -2.35
N LYS A 626 -1.81 -16.61 -1.50
CA LYS A 626 -1.40 -15.84 -0.33
C LYS A 626 -0.62 -14.57 -0.79
N ILE A 627 0.25 -14.72 -1.78
CA ILE A 627 0.88 -13.51 -2.37
C ILE A 627 -0.11 -12.52 -3.02
N GLY A 628 -1.09 -13.08 -3.72
CA GLY A 628 -2.09 -12.23 -4.38
C GLY A 628 -2.92 -11.51 -3.31
N HIS A 629 -3.33 -12.23 -2.26
CA HIS A 629 -3.99 -11.62 -1.10
C HIS A 629 -3.26 -10.37 -0.62
N PHE A 630 -1.94 -10.48 -0.38
CA PHE A 630 -1.21 -9.32 0.26
C PHE A 630 -0.88 -8.25 -0.80
N LEU A 631 -0.66 -8.69 -2.01
CA LEU A 631 -0.53 -7.72 -3.08
C LEU A 631 -1.81 -6.89 -3.17
N PHE A 632 -2.96 -7.57 -3.13
CA PHE A 632 -4.26 -6.77 -3.25
C PHE A 632 -4.35 -5.71 -2.17
N TRP A 633 -4.15 -6.13 -0.90
CA TRP A 633 -4.22 -5.14 0.23
C TRP A 633 -3.15 -4.06 0.19
N HIS A 634 -1.90 -4.39 -0.23
CA HIS A 634 -0.89 -3.29 -0.36
C HIS A 634 -1.37 -2.34 -1.44
N LEU A 635 -1.87 -2.85 -2.58
CA LEU A 635 -2.40 -1.92 -3.65
C LEU A 635 -3.72 -1.16 -3.23
N ARG A 636 -4.66 -1.88 -2.59
CA ARG A 636 -5.95 -1.26 -2.18
C ARG A 636 -5.75 -0.20 -1.15
N SER A 637 -4.79 -0.43 -0.26
CA SER A 637 -4.56 0.54 0.81
C SER A 637 -4.02 1.84 0.33
N GLU A 638 -3.75 1.99 -0.96
CA GLU A 638 -3.32 3.32 -1.45
C GLU A 638 -4.17 3.93 -2.54
N MET A 639 -5.37 3.35 -2.77
CA MET A 639 -6.26 3.79 -3.88
C MET A 639 -6.78 5.23 -3.69
N HIS A 640 -6.76 5.73 -2.46
CA HIS A 640 -6.99 7.15 -2.13
C HIS A 640 -5.84 8.11 -2.46
N VAL A 641 -4.67 7.60 -2.85
CA VAL A 641 -3.53 8.48 -3.11
C VAL A 641 -3.51 8.85 -4.59
N PRO A 642 -3.69 10.12 -4.91
CA PRO A 642 -3.96 10.39 -6.33
C PRO A 642 -2.90 9.95 -7.34
N SER A 643 -1.65 9.96 -6.90
CA SER A 643 -0.56 9.74 -7.82
C SER A 643 -0.46 8.26 -8.13
N VAL A 644 -1.13 7.40 -7.36
CA VAL A 644 -1.08 5.96 -7.72
C VAL A 644 -2.41 5.28 -7.99
N ALA A 645 -3.51 5.98 -7.81
CA ALA A 645 -4.89 5.39 -7.90
C ALA A 645 -5.15 4.68 -9.22
N LEU A 646 -4.72 5.34 -10.28
CA LEU A 646 -4.78 4.80 -11.63
C LEU A 646 -3.91 3.59 -11.81
N ARG A 647 -2.64 3.70 -11.48
CA ARG A 647 -1.75 2.53 -11.65
C ARG A 647 -2.20 1.39 -10.82
N PHE A 648 -2.48 1.64 -9.54
CA PHE A 648 -2.80 0.51 -8.63
C PHE A 648 -4.14 -0.05 -9.02
N GLY A 649 -5.05 0.84 -9.41
CA GLY A 649 -6.36 0.41 -9.91
C GLY A 649 -6.35 -0.55 -11.08
N LEU A 650 -5.47 -0.30 -12.05
CA LEU A 650 -5.38 -1.19 -13.22
C LEU A 650 -4.77 -2.47 -12.79
N ILE A 651 -3.75 -2.42 -11.91
CA ILE A 651 -3.17 -3.71 -11.48
C ILE A 651 -4.24 -4.51 -10.74
N LEU A 652 -4.96 -3.85 -9.87
CA LEU A 652 -6.01 -4.56 -9.12
C LEU A 652 -7.07 -5.20 -10.00
N GLU A 653 -7.49 -4.47 -11.06
CA GLU A 653 -8.51 -4.99 -11.98
C GLU A 653 -8.08 -6.30 -12.52
N ALA A 654 -6.86 -6.28 -13.03
CA ALA A 654 -6.31 -7.45 -13.72
C ALA A 654 -6.11 -8.58 -12.74
N TYR A 655 -5.56 -8.26 -11.58
CA TYR A 655 -5.39 -9.28 -10.50
C TYR A 655 -6.75 -9.95 -10.25
N CYS A 656 -7.79 -9.14 -10.10
CA CYS A 656 -9.13 -9.69 -9.85
C CYS A 656 -9.59 -10.65 -10.92
N ARG A 657 -9.49 -10.23 -12.16
CA ARG A 657 -9.90 -11.14 -13.27
C ARG A 657 -9.13 -12.50 -13.32
N GLY A 658 -7.94 -12.54 -12.73
CA GLY A 658 -7.22 -13.78 -12.55
C GLY A 658 -7.49 -14.57 -11.26
N SER A 659 -8.33 -14.02 -10.37
CA SER A 659 -8.54 -14.61 -9.04
C SER A 659 -9.99 -14.41 -8.61
N THR A 660 -10.92 -14.97 -9.39
CA THR A 660 -12.31 -14.84 -9.08
C THR A 660 -12.65 -15.56 -7.71
N HIS A 661 -12.00 -16.66 -7.33
CA HIS A 661 -12.26 -17.30 -6.03
C HIS A 661 -11.86 -16.38 -4.93
N HIS A 662 -10.68 -15.78 -5.04
CA HIS A 662 -10.21 -14.96 -3.97
C HIS A 662 -11.04 -13.69 -3.83
N MET A 663 -11.56 -13.23 -4.96
CA MET A 663 -12.37 -12.05 -5.03
C MET A 663 -13.50 -12.23 -4.02
N LYS A 664 -14.11 -13.42 -4.00
CA LYS A 664 -15.22 -13.65 -3.07
C LYS A 664 -14.74 -13.50 -1.65
N VAL A 665 -13.51 -13.93 -1.34
CA VAL A 665 -12.94 -13.72 0.06
C VAL A 665 -12.69 -12.23 0.33
N LEU A 666 -12.16 -11.52 -0.67
CA LEU A 666 -11.86 -10.11 -0.51
C LEU A 666 -13.11 -9.25 -0.36
N MET A 667 -14.13 -9.57 -1.14
CA MET A 667 -15.44 -8.92 -1.05
C MET A 667 -16.00 -9.03 0.36
N LYS A 668 -15.99 -10.23 0.92
CA LYS A 668 -16.38 -10.44 2.33
C LYS A 668 -15.55 -9.58 3.31
N GLN A 669 -14.24 -9.51 3.08
CA GLN A 669 -13.41 -8.73 3.97
C GLN A 669 -13.70 -7.26 3.88
N GLY A 670 -13.94 -6.75 2.67
CA GLY A 670 -14.26 -5.34 2.48
C GLY A 670 -15.55 -4.83 3.15
N GLU A 671 -16.53 -5.69 3.21
CA GLU A 671 -17.75 -5.37 3.91
C GLU A 671 -17.60 -5.45 5.40
N ALA A 672 -16.89 -6.48 5.92
CA ALA A 672 -16.46 -6.44 7.38
C ALA A 672 -15.77 -5.12 7.68
N LEU A 673 -14.81 -4.76 6.86
CA LEU A 673 -14.06 -3.56 7.14
C LEU A 673 -14.89 -2.31 7.06
N SER A 674 -15.79 -2.25 6.09
CA SER A 674 -16.62 -1.09 5.87
C SER A 674 -17.57 -0.91 7.06
N LYS A 675 -18.07 -2.02 7.60
CA LYS A 675 -18.84 -1.96 8.81
C LYS A 675 -18.05 -1.46 10.07
N LEU A 676 -16.79 -1.92 10.21
CA LEU A 676 -15.86 -1.47 11.27
C LEU A 676 -15.60 0.04 11.16
N LYS A 677 -15.40 0.53 9.94
CA LYS A 677 -15.30 1.98 9.77
C LYS A 677 -16.51 2.70 10.35
N ALA A 678 -17.72 2.32 9.94
CA ALA A 678 -18.89 3.03 10.46
C ALA A 678 -19.05 2.81 11.98
N LEU A 679 -18.73 1.60 12.41
CA LEU A 679 -18.83 1.25 13.81
C LEU A 679 -17.79 2.07 14.57
N ASN A 680 -16.61 2.24 14.00
CA ASN A 680 -15.62 3.08 14.65
C ASN A 680 -16.02 4.57 14.65
N ASP A 681 -16.52 5.11 13.52
CA ASP A 681 -16.88 6.59 13.46
C ASP A 681 -17.96 6.97 14.51
N PHE A 682 -18.88 6.03 14.73
CA PHE A 682 -19.89 6.16 15.79
C PHE A 682 -19.24 6.24 17.20
N VAL A 683 -18.26 5.39 17.44
CA VAL A 683 -17.64 5.29 18.76
C VAL A 683 -16.79 6.52 19.06
N LYS A 684 -16.09 7.08 18.07
CA LYS A 684 -15.40 8.38 18.30
C LYS A 684 -16.40 9.47 18.66
N LEU A 685 -17.45 9.57 17.86
CA LEU A 685 -18.52 10.57 17.96
C LEU A 685 -19.28 10.49 19.27
N SER A 686 -19.66 9.27 19.66
CA SER A 686 -20.29 9.01 20.96
C SER A 686 -19.41 9.38 22.16
N SER A 687 -18.20 8.84 22.18
CA SER A 687 -17.18 9.12 23.22
C SER A 687 -16.98 10.57 23.60
N GLN A 688 -17.19 11.49 22.66
CA GLN A 688 -17.23 12.92 22.95
C GLN A 688 -18.45 13.24 23.81
N LYS A 689 -19.60 12.79 23.34
CA LYS A 689 -20.88 13.03 24.00
C LYS A 689 -20.89 12.48 25.43
N THR A 690 -20.50 11.21 25.62
CA THR A 690 -20.80 10.48 26.85
C THR A 690 -19.75 9.46 27.21
N PRO A 691 -19.67 9.01 28.48
CA PRO A 691 -18.58 8.12 28.93
C PRO A 691 -18.64 6.63 28.54
N LYS A 692 -17.51 5.97 28.78
CA LYS A 692 -17.13 4.73 28.11
C LYS A 692 -18.06 3.52 28.32
N PRO A 693 -18.37 3.18 29.59
CA PRO A 693 -19.28 2.08 29.84
C PRO A 693 -20.54 2.06 28.96
N GLN A 694 -21.15 3.23 28.77
CA GLN A 694 -22.36 3.35 27.94
C GLN A 694 -22.06 3.22 26.46
N THR A 695 -21.03 3.94 26.00
CA THR A 695 -20.63 3.89 24.59
C THR A 695 -20.33 2.43 24.23
N LYS A 696 -19.66 1.75 25.14
CA LYS A 696 -19.48 0.32 25.03
C LYS A 696 -20.79 -0.41 24.76
N GLU A 697 -21.80 -0.27 25.62
CA GLU A 697 -23.09 -0.93 25.36
C GLU A 697 -23.73 -0.51 24.02
N LEU A 698 -23.61 0.78 23.66
CA LEU A 698 -24.12 1.28 22.36
C LEU A 698 -23.39 0.72 21.13
N MET A 699 -22.09 0.53 21.27
CA MET A 699 -21.32 -0.17 20.27
C MET A 699 -21.89 -1.56 20.09
N HIS A 700 -22.12 -2.26 21.20
CA HIS A 700 -22.70 -3.60 21.15
C HIS A 700 -24.08 -3.67 20.44
N LEU A 701 -25.02 -2.78 20.76
CA LEU A 701 -26.34 -2.78 20.08
C LEU A 701 -26.14 -2.62 18.59
N CYS A 702 -25.36 -1.61 18.22
CA CYS A 702 -25.08 -1.32 16.80
C CYS A 702 -24.57 -2.60 16.13
N MET A 703 -23.76 -3.39 16.84
CA MET A 703 -23.10 -4.58 16.25
C MET A 703 -24.07 -5.70 16.01
N ARG A 704 -25.10 -5.82 16.84
CA ARG A 704 -25.99 -6.97 16.80
C ARG A 704 -27.09 -6.79 15.73
N GLN A 705 -27.18 -5.56 15.18
CA GLN A 705 -28.07 -5.28 14.07
C GLN A 705 -27.75 -6.30 13.01
N GLU A 706 -28.81 -6.83 12.42
CA GLU A 706 -28.79 -7.96 11.50
C GLU A 706 -27.61 -7.87 10.55
N ALA A 707 -27.50 -6.71 9.88
CA ALA A 707 -26.55 -6.44 8.80
C ALA A 707 -25.14 -6.16 9.26
N TYR A 708 -24.95 -5.53 10.43
CA TYR A 708 -23.60 -5.41 10.99
C TYR A 708 -23.13 -6.81 11.27
N LEU A 709 -23.97 -7.59 11.94
CA LEU A 709 -23.53 -8.83 12.51
C LEU A 709 -23.06 -9.78 11.44
N GLU A 710 -23.91 -10.02 10.44
CA GLU A 710 -23.60 -10.86 9.27
C GLU A 710 -22.30 -10.47 8.54
N ALA A 711 -22.15 -9.17 8.33
CA ALA A 711 -20.98 -8.67 7.60
C ALA A 711 -19.69 -8.86 8.42
N LEU A 712 -19.82 -8.78 9.75
CA LEU A 712 -18.64 -8.96 10.64
C LEU A 712 -18.30 -10.42 11.00
N SER A 713 -19.13 -11.40 10.62
CA SER A 713 -19.05 -12.80 11.04
C SER A 713 -18.67 -13.68 9.84
N HIS A 714 -18.01 -14.80 10.07
CA HIS A 714 -17.72 -15.78 9.03
C HIS A 714 -17.05 -15.23 7.77
N LEU A 715 -15.91 -14.61 8.00
CA LEU A 715 -14.99 -14.18 6.95
C LEU A 715 -13.64 -14.79 7.29
N GLN A 716 -12.74 -14.75 6.32
CA GLN A 716 -11.35 -15.09 6.48
C GLN A 716 -10.61 -13.88 6.90
N SER A 717 -9.64 -14.05 7.79
CA SER A 717 -9.00 -12.85 8.30
C SER A 717 -8.20 -12.19 7.23
N PRO A 718 -8.22 -10.84 7.12
CA PRO A 718 -7.28 -10.18 6.20
C PRO A 718 -5.82 -10.30 6.61
N LEU A 719 -5.56 -10.42 7.90
CA LEU A 719 -4.15 -10.55 8.43
C LEU A 719 -3.52 -11.85 8.02
N ASP A 720 -4.36 -12.87 7.82
CA ASP A 720 -3.92 -14.21 7.51
C ASP A 720 -5.12 -14.95 6.95
N PRO A 721 -5.26 -14.99 5.61
CA PRO A 721 -6.50 -15.61 5.07
C PRO A 721 -6.71 -17.11 5.39
N SER A 722 -5.76 -17.76 6.03
CA SER A 722 -6.07 -19.12 6.48
C SER A 722 -6.74 -19.13 7.88
N THR A 723 -6.79 -18.00 8.57
CA THR A 723 -7.48 -17.87 9.84
C THR A 723 -8.94 -17.50 9.59
N LEU A 724 -9.85 -18.14 10.31
CA LEU A 724 -11.28 -17.92 10.17
C LEU A 724 -11.70 -17.08 11.35
N LEU A 725 -12.25 -15.92 11.05
CA LEU A 725 -12.96 -15.15 12.02
C LEU A 725 -14.43 -15.65 11.84
N ALA A 726 -14.90 -16.48 12.77
CA ALA A 726 -16.28 -17.03 12.72
C ALA A 726 -17.32 -16.16 13.45
N GLU A 727 -17.57 -16.41 14.72
CA GLU A 727 -18.62 -15.76 15.50
C GLU A 727 -17.98 -14.61 16.24
N VAL A 728 -18.53 -13.40 16.12
CA VAL A 728 -17.99 -12.29 16.90
C VAL A 728 -18.52 -12.44 18.31
N CYS A 729 -17.62 -12.32 19.28
CA CYS A 729 -17.99 -12.36 20.71
C CYS A 729 -18.29 -10.94 21.17
N VAL A 730 -19.53 -10.52 20.99
CA VAL A 730 -19.87 -9.10 21.10
C VAL A 730 -19.58 -8.54 22.49
N GLU A 731 -19.85 -9.31 23.55
CA GLU A 731 -19.64 -8.79 24.92
C GLU A 731 -18.16 -8.60 25.25
N GLN A 732 -17.27 -9.30 24.53
CA GLN A 732 -15.80 -9.05 24.62
C GLN A 732 -15.27 -7.91 23.73
N CYS A 733 -16.05 -7.50 22.72
CA CYS A 733 -15.70 -6.33 21.90
C CYS A 733 -15.73 -5.00 22.64
N THR A 734 -14.67 -4.22 22.51
CA THR A 734 -14.50 -2.96 23.19
C THR A 734 -13.64 -2.06 22.34
N PHE A 735 -13.05 -1.03 22.93
CA PHE A 735 -12.12 -0.15 22.21
C PHE A 735 -11.11 0.49 23.11
N MET A 736 -10.02 0.98 22.50
CA MET A 736 -8.95 1.66 23.24
C MET A 736 -9.29 3.13 23.45
N ASP A 737 -8.61 3.75 24.40
CA ASP A 737 -8.96 5.09 24.84
C ASP A 737 -8.24 6.22 24.11
N SER A 738 -7.40 5.89 23.14
CA SER A 738 -6.62 6.91 22.46
C SER A 738 -7.54 7.63 21.49
N LYS A 739 -7.06 8.75 20.96
CA LYS A 739 -7.87 9.77 20.25
C LYS A 739 -8.80 9.23 19.12
N MET A 740 -8.35 8.21 18.39
CA MET A 740 -9.14 7.62 17.28
C MET A 740 -9.95 6.38 17.66
N LYS A 741 -9.87 6.02 18.92
CA LYS A 741 -10.72 4.99 19.52
C LYS A 741 -10.67 3.70 18.72
N PRO A 742 -9.49 3.07 18.66
CA PRO A 742 -9.37 1.76 17.99
C PRO A 742 -10.22 0.67 18.60
N LEU A 743 -10.80 -0.17 17.76
CA LEU A 743 -11.68 -1.21 18.18
C LEU A 743 -10.88 -2.51 18.41
N TRP A 744 -11.25 -3.21 19.47
CA TRP A 744 -10.73 -4.49 19.88
C TRP A 744 -11.91 -5.40 19.65
N ILE A 745 -11.75 -6.31 18.68
CA ILE A 745 -12.81 -7.21 18.24
C ILE A 745 -12.31 -8.64 18.44
N MET A 746 -13.02 -9.36 19.30
CA MET A 746 -12.80 -10.73 19.58
C MET A 746 -13.72 -11.63 18.79
N TYR A 747 -13.20 -12.79 18.41
CA TYR A 747 -13.88 -13.82 17.66
C TYR A 747 -13.71 -15.14 18.35
N SER A 748 -14.54 -16.08 17.98
CA SER A 748 -14.39 -17.48 18.31
C SER A 748 -14.75 -18.27 17.06
N ASN A 749 -13.86 -19.17 16.63
CA ASN A 749 -14.14 -20.17 15.56
C ASN A 749 -14.14 -21.62 16.06
N GLU A 750 -14.68 -22.53 15.26
CA GLU A 750 -14.75 -23.95 15.64
C GLU A 750 -13.43 -24.64 15.28
N GLU A 751 -12.37 -24.33 16.05
CA GLU A 751 -10.97 -24.78 15.81
C GLU A 751 -10.88 -26.28 15.48
N GLY A 755 -5.52 -22.41 21.37
CA GLY A 755 -6.29 -21.53 20.49
C GLY A 755 -7.78 -21.56 20.81
N GLY A 756 -8.60 -21.36 19.77
CA GLY A 756 -10.08 -21.28 19.90
C GLY A 756 -10.66 -19.86 19.80
N SER A 757 -9.79 -18.86 19.99
CA SER A 757 -10.16 -17.45 20.15
C SER A 757 -9.15 -16.55 19.39
N VAL A 758 -9.61 -15.57 18.60
CA VAL A 758 -8.72 -14.68 17.80
C VAL A 758 -9.16 -13.26 18.01
N GLY A 759 -8.26 -12.29 17.96
CA GLY A 759 -8.64 -10.88 18.16
C GLY A 759 -8.07 -9.99 17.07
N ILE A 760 -8.73 -8.86 16.76
CA ILE A 760 -8.12 -7.88 15.87
C ILE A 760 -8.39 -6.50 16.41
N ILE A 761 -7.46 -5.62 16.11
CA ILE A 761 -7.63 -4.18 16.34
C ILE A 761 -7.91 -3.54 15.02
N PHE A 762 -9.00 -2.77 14.97
CA PHE A 762 -9.35 -1.99 13.82
C PHE A 762 -9.07 -0.55 14.11
N LYS A 763 -8.22 0.02 13.28
CA LYS A 763 -7.82 1.40 13.47
C LYS A 763 -8.34 2.25 12.34
N ASN A 764 -8.80 3.46 12.65
CA ASN A 764 -9.34 4.38 11.63
C ASN A 764 -9.02 5.81 11.99
N GLY A 765 -7.93 6.32 11.41
CA GLY A 765 -7.48 7.66 11.72
C GLY A 765 -6.05 7.67 12.22
N ASP A 766 -5.58 6.51 12.66
CA ASP A 766 -4.17 6.35 12.95
C ASP A 766 -3.51 5.86 11.67
N ASP A 767 -2.28 6.28 11.49
CA ASP A 767 -1.45 5.73 10.46
C ASP A 767 -0.72 4.47 10.98
N LEU A 768 -0.78 3.40 10.21
CA LEU A 768 -0.26 2.07 10.57
C LEU A 768 0.99 1.65 9.78
N ARG A 769 1.48 2.50 8.91
CA ARG A 769 2.51 2.08 7.91
C ARG A 769 3.87 1.97 8.57
N GLN A 770 4.17 2.91 9.47
CA GLN A 770 5.33 2.84 10.33
C GLN A 770 5.36 1.56 11.20
N ASP A 771 4.22 1.22 11.78
CA ASP A 771 4.10 -0.01 12.52
C ASP A 771 4.29 -1.21 11.56
N MET A 772 3.68 -1.18 10.37
CA MET A 772 3.80 -2.31 9.46
C MET A 772 5.25 -2.60 9.07
N LEU A 773 5.95 -1.55 8.64
CA LEU A 773 7.31 -1.70 8.18
C LEU A 773 8.23 -2.31 9.23
N THR A 774 8.15 -1.75 10.42
CA THR A 774 8.92 -2.18 11.57
C THR A 774 8.64 -3.60 11.91
N LEU A 775 7.37 -3.94 11.95
CA LEU A 775 7.00 -5.35 12.18
C LEU A 775 7.44 -6.28 11.08
N GLN A 776 7.52 -5.80 9.84
CA GLN A 776 8.01 -6.59 8.71
C GLN A 776 9.53 -6.81 8.86
N MET A 777 10.28 -5.79 9.27
CA MET A 777 11.71 -5.95 9.51
C MET A 777 12.03 -6.87 10.65
N ILE A 778 11.27 -6.76 11.73
CA ILE A 778 11.43 -7.69 12.90
C ILE A 778 11.24 -9.14 12.44
N GLN A 779 10.28 -9.32 11.56
CA GLN A 779 9.97 -10.62 10.99
C GLN A 779 11.12 -11.18 10.12
N LEU A 780 11.63 -10.32 9.27
CA LEU A 780 12.76 -10.64 8.46
C LEU A 780 13.90 -10.95 9.36
N MET A 781 14.09 -10.21 10.46
CA MET A 781 15.20 -10.55 11.42
C MET A 781 15.05 -11.94 11.99
N ASP A 782 13.82 -12.27 12.41
CA ASP A 782 13.47 -13.61 12.90
C ASP A 782 13.82 -14.71 11.88
N VAL A 783 13.51 -14.51 10.58
CA VAL A 783 13.82 -15.52 9.54
C VAL A 783 15.32 -15.76 9.40
N LEU A 784 16.04 -14.67 9.24
CA LEU A 784 17.47 -14.71 9.05
C LEU A 784 18.12 -15.35 10.27
N TRP A 785 17.64 -14.99 11.46
CA TRP A 785 18.07 -15.64 12.65
C TRP A 785 17.80 -17.11 12.61
N LYS A 786 16.53 -17.47 12.46
CA LYS A 786 16.12 -18.90 12.41
C LYS A 786 16.85 -19.70 11.34
N GLN A 787 17.12 -19.09 10.19
CA GLN A 787 17.89 -19.77 9.14
C GLN A 787 19.35 -20.10 9.56
N GLU A 788 19.79 -19.70 10.77
CA GLU A 788 21.07 -20.16 11.34
C GLU A 788 20.92 -20.84 12.70
N GLY A 789 19.77 -21.50 12.88
CA GLY A 789 19.51 -22.25 14.10
C GLY A 789 19.24 -21.42 15.34
N LEU A 790 19.26 -20.09 15.18
CA LEU A 790 18.98 -19.21 16.30
C LEU A 790 17.52 -18.84 16.20
N ASP A 791 16.74 -19.40 17.13
CA ASP A 791 15.35 -19.07 17.37
C ASP A 791 15.19 -18.20 18.61
N LEU A 792 14.93 -16.92 18.42
CA LEU A 792 14.89 -16.01 19.52
C LEU A 792 13.50 -15.77 20.03
N ARG A 793 12.53 -16.55 19.56
CA ARG A 793 11.18 -16.56 20.15
C ARG A 793 10.50 -15.20 20.05
N MET A 794 10.58 -14.61 18.86
CA MET A 794 10.08 -13.29 18.57
C MET A 794 8.58 -13.36 18.37
N THR A 795 7.89 -12.22 18.40
CA THR A 795 6.46 -12.20 18.17
C THR A 795 6.11 -11.11 17.12
N PRO A 796 6.41 -11.40 15.85
CA PRO A 796 6.18 -10.46 14.79
C PRO A 796 4.73 -10.60 14.34
N TYR A 797 3.82 -9.96 15.07
CA TYR A 797 2.35 -10.13 14.85
C TYR A 797 1.92 -9.34 13.54
N GLY A 798 0.78 -9.70 12.95
CA GLY A 798 0.32 -9.04 11.72
C GLY A 798 -0.03 -7.58 11.90
N CYS A 799 0.33 -6.80 10.90
CA CYS A 799 -0.21 -5.44 10.77
C CYS A 799 -0.55 -5.27 9.31
N LEU A 800 -1.79 -4.86 8.99
CA LEU A 800 -2.23 -4.71 7.58
C LEU A 800 -3.00 -3.41 7.35
N PRO A 801 -2.34 -2.37 6.80
CA PRO A 801 -3.07 -1.24 6.26
C PRO A 801 -4.04 -1.75 5.21
N THR A 802 -5.27 -1.27 5.25
CA THR A 802 -6.30 -1.62 4.25
C THR A 802 -6.90 -0.37 3.62
N GLY A 803 -6.61 0.86 4.09
CA GLY A 803 -7.36 1.98 3.43
C GLY A 803 -6.70 3.21 3.88
N ASP A 804 -7.31 4.36 3.57
CA ASP A 804 -6.92 5.70 4.04
C ASP A 804 -6.94 5.75 5.58
N ARG A 805 -5.75 5.60 6.19
CA ARG A 805 -5.57 5.63 7.64
C ARG A 805 -6.44 4.58 8.30
N THR A 806 -6.57 3.45 7.65
CA THR A 806 -7.32 2.36 8.15
C THR A 806 -6.52 1.10 7.97
N GLY A 807 -6.68 0.18 8.91
CA GLY A 807 -6.12 -1.15 8.79
C GLY A 807 -6.37 -1.96 10.05
N LEU A 808 -5.75 -3.15 10.09
CA LEU A 808 -5.92 -4.13 11.18
C LEU A 808 -4.57 -4.58 11.77
N ILE A 809 -4.59 -4.98 13.03
CA ILE A 809 -3.46 -5.45 13.81
C ILE A 809 -3.93 -6.69 14.52
N GLU A 810 -3.10 -7.72 14.50
CA GLU A 810 -3.35 -9.01 15.13
C GLU A 810 -3.19 -8.81 16.65
N VAL A 811 -4.16 -9.22 17.42
CA VAL A 811 -4.08 -9.19 18.84
C VAL A 811 -3.17 -10.37 19.22
N VAL A 812 -2.16 -10.12 20.03
CA VAL A 812 -1.45 -11.24 20.70
C VAL A 812 -2.19 -11.51 22.01
N LEU A 813 -2.74 -12.75 22.15
CA LEU A 813 -3.46 -13.16 23.36
C LEU A 813 -2.51 -13.71 24.42
N ARG A 814 -3.08 -13.84 25.62
CA ARG A 814 -2.39 -14.43 26.79
C ARG A 814 -1.11 -13.66 26.97
N SER A 815 -1.21 -12.34 26.85
CA SER A 815 -0.13 -11.42 27.01
C SER A 815 -0.64 -10.17 27.72
N ASP A 816 0.27 -9.43 28.34
CA ASP A 816 -0.09 -8.19 29.08
C ASP A 816 1.13 -7.25 29.03
N THR A 817 0.86 -5.97 29.23
CA THR A 817 1.89 -4.93 29.19
C THR A 817 2.70 -4.94 30.47
N ILE A 818 3.96 -4.56 30.39
CA ILE A 818 4.80 -4.37 31.61
C ILE A 818 4.16 -3.41 32.64
N ALA A 819 3.61 -2.29 32.17
CA ALA A 819 3.02 -1.28 33.10
C ALA A 819 1.91 -1.88 33.94
N ASN A 820 1.06 -2.70 33.30
CA ASN A 820 -0.03 -3.37 34.00
C ASN A 820 0.51 -4.36 35.03
N ILE A 821 1.46 -5.19 34.59
CA ILE A 821 2.01 -6.24 35.42
C ILE A 821 2.72 -5.68 36.64
N GLN A 822 3.41 -4.57 36.45
CA GLN A 822 4.05 -3.85 37.54
C GLN A 822 3.07 -3.13 38.51
N LEU A 823 1.91 -2.68 38.04
CA LEU A 823 0.94 -1.98 38.89
C LEU A 823 -0.45 -2.55 38.67
N ASP A 837 9.93 -8.05 42.91
CA ASP A 837 10.06 -9.14 41.94
C ASP A 837 8.73 -9.38 41.15
N ALA A 838 8.12 -8.27 40.71
CA ALA A 838 6.73 -8.25 40.25
C ALA A 838 6.55 -8.91 38.86
N LEU A 839 7.41 -8.54 37.93
CA LEU A 839 7.54 -9.25 36.66
C LEU A 839 7.83 -10.74 36.91
N LEU A 840 8.82 -10.99 37.77
CA LEU A 840 9.20 -12.37 38.12
C LEU A 840 8.05 -13.17 38.81
N ASN A 841 7.23 -12.54 39.63
CA ASN A 841 6.06 -13.19 40.22
C ASN A 841 4.93 -13.48 39.21
N TRP A 842 4.74 -12.59 38.24
CA TRP A 842 3.69 -12.79 37.23
C TRP A 842 4.00 -14.07 36.49
N LEU A 843 5.26 -14.18 36.07
CA LEU A 843 5.79 -15.37 35.43
C LEU A 843 5.66 -16.64 36.24
N LYS A 844 5.94 -16.53 37.55
CA LYS A 844 5.77 -17.65 38.45
C LYS A 844 4.33 -18.14 38.45
N SER A 845 3.38 -17.22 38.61
CA SER A 845 1.93 -17.57 38.60
C SER A 845 1.39 -18.16 37.27
N LYS A 846 2.01 -17.78 36.15
CA LYS A 846 1.62 -18.27 34.81
C LYS A 846 2.32 -19.58 34.46
N ASN A 847 3.47 -19.79 35.11
CA ASN A 847 4.33 -20.97 34.95
C ASN A 847 4.75 -21.49 36.32
N PRO A 848 3.79 -22.03 37.10
CA PRO A 848 4.17 -22.63 38.37
C PRO A 848 5.14 -23.81 38.21
N GLY A 849 5.97 -24.02 39.24
CA GLY A 849 6.78 -25.22 39.39
C GLY A 849 7.81 -25.38 38.29
N GLU A 850 7.84 -26.56 37.68
CA GLU A 850 8.94 -26.91 36.77
C GLU A 850 8.81 -26.35 35.33
N ALA A 851 7.84 -25.47 35.10
CA ALA A 851 7.73 -24.75 33.82
C ALA A 851 8.24 -23.31 33.93
N LEU A 852 8.81 -22.95 35.08
CA LEU A 852 9.34 -21.60 35.26
C LEU A 852 10.61 -21.44 34.48
N ASP A 853 11.49 -22.44 34.50
CA ASP A 853 12.71 -22.39 33.67
C ASP A 853 12.44 -22.17 32.17
N ARG A 854 11.38 -22.78 31.64
CA ARG A 854 10.97 -22.54 30.27
C ARG A 854 10.63 -21.06 30.09
N ALA A 855 9.68 -20.56 30.86
CA ALA A 855 9.32 -19.12 30.79
C ALA A 855 10.50 -18.15 30.73
N ILE A 856 11.44 -18.33 31.67
CA ILE A 856 12.64 -17.50 31.84
C ILE A 856 13.56 -17.54 30.61
N GLU A 857 13.78 -18.74 30.10
CA GLU A 857 14.57 -18.94 28.88
C GLU A 857 13.86 -18.31 27.64
N GLU A 858 12.53 -18.42 27.57
CA GLU A 858 11.73 -17.72 26.55
C GLU A 858 11.89 -16.21 26.65
N PHE A 859 11.89 -15.71 27.87
CA PHE A 859 12.14 -14.28 28.11
C PHE A 859 13.57 -13.85 27.71
N THR A 860 14.53 -14.75 27.93
CA THR A 860 15.92 -14.41 27.73
C THR A 860 16.18 -14.25 26.26
N LEU A 861 15.65 -15.19 25.49
CA LEU A 861 15.92 -15.26 24.03
C LEU A 861 15.27 -14.06 23.37
N SER A 862 14.05 -13.76 23.79
CA SER A 862 13.26 -12.76 23.16
C SER A 862 13.73 -11.42 23.63
N CYS A 863 14.20 -11.34 24.88
CA CYS A 863 14.76 -10.08 25.34
C CYS A 863 16.01 -9.70 24.46
N ALA A 864 16.86 -10.67 24.15
CA ALA A 864 18.02 -10.41 23.27
C ALA A 864 17.55 -9.91 21.92
N GLY A 865 16.65 -10.67 21.27
CA GLY A 865 16.16 -10.32 19.89
C GLY A 865 15.63 -8.91 19.83
N TYR A 866 14.76 -8.59 20.77
CA TYR A 866 14.17 -7.24 20.77
C TYR A 866 15.15 -6.15 21.16
N CYS A 867 16.16 -6.50 21.97
CA CYS A 867 17.21 -5.55 22.31
C CYS A 867 18.05 -5.17 21.10
N VAL A 868 18.36 -6.20 20.32
CA VAL A 868 19.17 -6.04 19.14
C VAL A 868 18.37 -5.34 18.02
N ALA A 869 17.16 -5.85 17.75
CA ALA A 869 16.21 -5.22 16.84
C ALA A 869 16.10 -3.75 17.07
N THR A 870 15.80 -3.37 18.28
CA THR A 870 15.46 -1.95 18.53
C THR A 870 16.69 -1.05 18.43
N TYR A 871 17.83 -1.63 18.77
CA TYR A 871 19.11 -0.97 18.64
C TYR A 871 19.47 -0.82 17.17
N VAL A 872 19.44 -1.91 16.44
CA VAL A 872 19.80 -1.82 15.04
C VAL A 872 18.89 -0.80 14.33
N LEU A 873 17.57 -0.80 14.58
CA LEU A 873 16.61 0.04 13.80
C LEU A 873 16.46 1.42 14.35
N GLY A 874 17.09 1.73 15.49
CA GLY A 874 17.05 3.09 16.00
C GLY A 874 15.70 3.45 16.65
N ILE A 875 15.08 2.45 17.26
CA ILE A 875 13.79 2.55 17.95
C ILE A 875 13.92 2.95 19.44
N GLY A 876 13.82 4.24 19.74
CA GLY A 876 13.55 4.72 21.13
C GLY A 876 12.03 4.79 21.47
N ASP A 877 11.69 5.63 22.44
CA ASP A 877 10.29 5.75 22.93
C ASP A 877 9.75 4.40 23.43
N ARG A 878 10.64 3.59 23.99
CA ARG A 878 10.34 2.23 24.43
C ARG A 878 10.15 2.30 25.92
N HIS A 879 8.93 2.02 26.36
CA HIS A 879 8.56 2.06 27.77
C HIS A 879 7.60 0.89 28.08
N SER A 880 7.26 0.78 29.34
CA SER A 880 6.37 -0.24 29.87
C SER A 880 4.93 -0.29 29.29
N ASP A 881 4.44 0.76 28.63
CA ASP A 881 3.16 0.76 27.93
C ASP A 881 3.24 0.01 26.60
N ASN A 882 4.40 0.07 25.95
CA ASN A 882 4.57 -0.52 24.60
C ASN A 882 5.55 -1.71 24.57
N ILE A 883 5.82 -2.32 25.73
CA ILE A 883 6.53 -3.62 25.84
C ILE A 883 5.60 -4.59 26.53
N MET A 884 5.41 -5.79 25.98
CA MET A 884 4.44 -6.76 26.52
C MET A 884 5.11 -8.08 26.73
N ILE A 885 4.40 -8.93 27.49
CA ILE A 885 4.90 -10.26 27.80
C ILE A 885 3.80 -11.31 27.70
N ARG A 886 4.17 -12.45 27.15
CA ARG A 886 3.26 -13.54 26.87
C ARG A 886 3.41 -14.43 28.09
N GLU A 887 2.39 -15.20 28.38
CA GLU A 887 2.37 -16.16 29.45
C GLU A 887 3.46 -17.23 29.32
N SER A 888 3.79 -17.61 28.10
CA SER A 888 4.96 -18.44 27.85
C SER A 888 6.25 -17.84 28.44
N GLY A 889 6.28 -16.52 28.61
CA GLY A 889 7.45 -15.76 28.98
C GLY A 889 8.01 -14.88 27.86
N GLN A 890 7.57 -15.04 26.60
CA GLN A 890 8.15 -14.22 25.52
C GLN A 890 7.77 -12.75 25.73
N LEU A 891 8.79 -11.93 25.61
CA LEU A 891 8.70 -10.50 25.73
C LEU A 891 8.61 -9.97 24.28
N PHE A 892 7.86 -8.91 24.06
CA PHE A 892 7.82 -8.35 22.72
C PHE A 892 7.35 -6.93 22.74
N HIS A 893 7.71 -6.22 21.70
CA HIS A 893 7.36 -4.84 21.57
C HIS A 893 6.22 -4.63 20.60
N ILE A 894 5.47 -3.55 20.86
CA ILE A 894 4.29 -3.16 20.11
C ILE A 894 4.25 -1.69 19.72
N ASP A 895 3.43 -1.40 18.74
CA ASP A 895 2.97 -0.02 18.50
C ASP A 895 4.13 0.95 18.25
N PHE A 896 4.88 0.62 17.20
CA PHE A 896 6.18 1.18 16.95
C PHE A 896 6.47 2.66 16.79
N GLY A 897 5.71 3.39 16.02
CA GLY A 897 5.89 4.88 16.02
C GLY A 897 7.05 5.61 15.28
N HIS A 898 8.27 5.19 15.51
CA HIS A 898 9.48 6.05 15.41
C HIS A 898 10.69 5.15 15.28
N PHE A 899 11.54 5.38 14.27
CA PHE A 899 12.76 4.62 14.08
C PHE A 899 13.94 5.43 13.49
N LEU A 900 15.08 4.75 13.31
CA LEU A 900 16.30 5.42 12.80
C LEU A 900 16.71 6.71 13.55
N GLY A 901 16.56 6.69 14.90
CA GLY A 901 16.96 7.78 15.76
C GLY A 901 15.92 8.85 16.06
N ASN A 902 14.82 8.86 15.31
CA ASN A 902 13.97 10.05 15.21
C ASN A 902 13.09 10.28 16.47
N PHE A 903 12.78 11.55 16.73
CA PHE A 903 12.27 12.09 18.02
C PHE A 903 11.83 11.06 19.08
N GLU A 912 21.07 12.28 17.50
CA GLU A 912 20.44 11.38 18.47
C GLU A 912 20.48 9.92 18.01
N ARG A 913 21.66 9.29 18.09
CA ARG A 913 21.75 7.82 18.10
C ARG A 913 21.05 7.26 19.37
N VAL A 914 20.41 6.12 19.22
CA VAL A 914 19.69 5.48 20.28
C VAL A 914 20.64 4.43 20.81
N PRO A 915 21.09 4.58 22.05
CA PRO A 915 22.03 3.57 22.57
C PRO A 915 21.39 2.20 22.66
N PHE A 916 22.22 1.18 22.73
CA PHE A 916 21.72 -0.12 23.10
C PHE A 916 21.23 0.06 24.53
N ILE A 917 20.18 -0.65 24.90
CA ILE A 917 19.47 -0.39 26.13
C ILE A 917 19.23 -1.71 26.82
N LEU A 918 19.66 -1.81 28.10
CA LEU A 918 19.29 -2.93 28.99
C LEU A 918 18.53 -2.41 30.16
N THR A 919 17.47 -3.12 30.51
CA THR A 919 16.63 -2.71 31.60
C THR A 919 16.98 -3.57 32.78
N TYR A 920 17.19 -2.98 33.94
CA TYR A 920 17.54 -3.76 35.12
C TYR A 920 16.48 -4.81 35.41
N ASP A 921 15.22 -4.41 35.34
CA ASP A 921 14.14 -5.36 35.64
C ASP A 921 14.18 -6.59 34.73
N PHE A 922 14.67 -6.49 33.50
CA PHE A 922 14.79 -7.67 32.62
C PHE A 922 16.05 -8.43 32.91
N VAL A 923 17.11 -7.73 33.23
CA VAL A 923 18.34 -8.41 33.64
C VAL A 923 18.03 -9.32 34.87
N HIS A 924 17.17 -8.86 35.76
CA HIS A 924 16.81 -9.57 37.00
C HIS A 924 16.19 -10.94 36.69
N VAL A 925 15.22 -10.91 35.79
CA VAL A 925 14.53 -12.12 35.36
C VAL A 925 15.48 -13.05 34.63
N ILE A 926 16.28 -12.48 33.71
CA ILE A 926 17.31 -13.21 33.02
C ILE A 926 18.17 -13.93 34.08
N GLN A 927 18.53 -13.20 35.13
CA GLN A 927 19.37 -13.74 36.23
C GLN A 927 18.60 -14.60 37.29
N GLN A 928 17.31 -14.87 37.03
CA GLN A 928 16.45 -15.75 37.84
C GLN A 928 16.14 -15.24 39.24
N GLY A 929 16.09 -13.92 39.42
CA GLY A 929 15.92 -13.31 40.74
C GLY A 929 17.21 -13.15 41.55
N LYS A 930 18.37 -13.31 40.92
CA LYS A 930 19.67 -13.19 41.62
C LYS A 930 20.43 -11.91 41.26
N THR A 931 21.25 -11.48 42.20
CA THR A 931 22.16 -10.37 42.05
C THR A 931 23.22 -10.66 40.98
N ASN A 932 23.84 -11.84 41.07
CA ASN A 932 24.84 -12.35 40.12
C ASN A 932 24.59 -13.81 39.74
N ASN A 933 24.32 -13.98 38.46
CA ASN A 933 24.13 -15.26 37.83
C ASN A 933 24.86 -15.15 36.51
N SER A 934 26.17 -15.21 36.58
CA SER A 934 26.95 -14.91 35.39
C SER A 934 26.93 -16.04 34.35
N GLU A 935 26.57 -17.27 34.71
CA GLU A 935 26.41 -18.33 33.71
C GLU A 935 25.29 -17.92 32.75
N LYS A 936 24.13 -17.57 33.34
CA LYS A 936 22.97 -17.14 32.62
C LYS A 936 23.22 -15.87 31.87
N PHE A 937 23.77 -14.89 32.56
CA PHE A 937 23.93 -13.57 31.98
C PHE A 937 24.87 -13.60 30.79
N GLU A 938 25.91 -14.43 30.87
CA GLU A 938 26.83 -14.65 29.75
C GLU A 938 26.12 -15.26 28.52
N ARG A 939 25.27 -16.25 28.74
CA ARG A 939 24.50 -16.83 27.63
C ARG A 939 23.72 -15.76 26.87
N PHE A 940 23.14 -14.84 27.65
CA PHE A 940 22.29 -13.77 27.15
C PHE A 940 23.09 -12.79 26.32
N ARG A 941 24.23 -12.39 26.84
CA ARG A 941 25.14 -11.58 26.06
C ARG A 941 25.49 -12.32 24.79
N GLY A 942 25.79 -13.61 24.89
CA GLY A 942 26.05 -14.46 23.70
C GLY A 942 24.96 -14.34 22.61
N TYR A 943 23.72 -14.51 23.07
CA TYR A 943 22.57 -14.43 22.19
C TYR A 943 22.53 -13.06 21.53
N CYS A 944 22.68 -12.01 22.34
CA CYS A 944 22.73 -10.68 21.83
C CYS A 944 23.76 -10.50 20.71
N GLU A 945 24.93 -11.09 20.93
CA GLU A 945 26.09 -10.89 20.02
C GLU A 945 25.97 -11.67 18.76
N ARG A 946 25.49 -12.90 18.87
CA ARG A 946 25.23 -13.71 17.71
C ARG A 946 24.12 -13.10 16.84
N ALA A 947 23.15 -12.48 17.48
CA ALA A 947 22.01 -11.93 16.73
C ALA A 947 22.49 -10.75 15.91
N TYR A 948 23.15 -9.81 16.55
CA TYR A 948 23.77 -8.67 15.88
C TYR A 948 24.71 -9.07 14.77
N THR A 949 25.44 -10.15 15.00
CA THR A 949 26.40 -10.70 14.05
C THR A 949 25.70 -11.25 12.82
N ILE A 950 24.55 -11.87 13.01
CA ILE A 950 23.76 -12.39 11.88
C ILE A 950 23.21 -11.28 11.04
N LEU A 951 22.72 -10.22 11.66
CA LEU A 951 22.17 -9.14 10.90
C LEU A 951 23.23 -8.37 10.11
N ARG A 952 24.43 -8.17 10.64
CA ARG A 952 25.55 -7.55 9.89
C ARG A 952 25.87 -8.26 8.58
N ARG A 953 25.88 -9.61 8.63
CA ARG A 953 26.08 -10.42 7.43
C ARG A 953 25.01 -10.19 6.35
N HIS A 954 23.83 -9.67 6.69
CA HIS A 954 22.72 -9.40 5.76
C HIS A 954 22.45 -7.93 5.77
N GLY A 955 23.47 -7.15 6.04
CA GLY A 955 23.34 -5.73 6.16
C GLY A 955 22.97 -5.03 4.86
N LEU A 956 23.55 -5.42 3.73
CA LEU A 956 23.20 -4.80 2.47
C LEU A 956 21.71 -5.07 2.15
N LEU A 957 21.20 -6.23 2.56
CA LEU A 957 19.80 -6.55 2.42
C LEU A 957 18.90 -5.51 3.11
N PHE A 958 19.22 -5.15 4.34
CA PHE A 958 18.46 -4.11 4.99
C PHE A 958 18.61 -2.78 4.31
N LEU A 959 19.83 -2.41 4.03
CA LEU A 959 20.03 -1.14 3.29
C LEU A 959 19.25 -1.00 1.94
N HIS A 960 19.25 -2.07 1.15
CA HIS A 960 18.53 -2.05 -0.12
C HIS A 960 17.08 -1.99 0.11
N LEU A 961 16.62 -2.79 1.05
CA LEU A 961 15.22 -2.80 1.35
C LEU A 961 14.75 -1.42 1.83
N PHE A 962 15.52 -0.77 2.72
CA PHE A 962 15.16 0.59 3.13
C PHE A 962 15.28 1.59 2.02
N ALA A 963 16.32 1.48 1.19
CA ALA A 963 16.44 2.38 0.04
C ALA A 963 15.18 2.35 -0.83
N LEU A 964 14.60 1.17 -1.06
CA LEU A 964 13.39 1.11 -1.88
C LEU A 964 12.18 1.68 -1.12
N MET A 965 12.11 1.55 0.19
CA MET A 965 11.02 2.09 1.02
C MET A 965 10.97 3.59 1.08
N ARG A 966 12.02 4.25 0.67
CA ARG A 966 11.93 5.69 0.62
C ARG A 966 10.79 6.18 -0.32
N ALA A 967 10.48 5.37 -1.33
CA ALA A 967 9.36 5.61 -2.24
C ALA A 967 8.03 5.84 -1.50
N ALA A 968 7.84 5.14 -0.38
CA ALA A 968 6.66 5.27 0.48
C ALA A 968 6.36 6.61 1.10
N GLY A 969 7.35 7.51 1.16
CA GLY A 969 7.14 8.84 1.75
C GLY A 969 6.82 8.84 3.27
N LEU A 970 7.19 7.82 4.01
CA LEU A 970 7.19 7.92 5.45
C LEU A 970 8.07 9.11 5.86
N PRO A 971 7.54 10.03 6.72
CA PRO A 971 8.34 11.17 7.27
C PRO A 971 9.71 10.76 7.87
N GLU A 972 9.69 9.59 8.53
CA GLU A 972 10.86 9.01 9.20
C GLU A 972 11.90 8.31 8.29
N LEU A 973 11.58 8.12 7.02
CA LEU A 973 12.47 7.46 6.05
C LEU A 973 12.37 8.23 4.73
N SER A 974 12.86 9.47 4.79
CA SER A 974 12.88 10.34 3.66
C SER A 974 14.19 10.33 2.86
N CYS A 975 15.34 10.19 3.53
CA CYS A 975 16.62 10.65 2.98
C CYS A 975 17.75 9.65 3.12
N SER A 976 18.90 9.99 2.55
CA SER A 976 20.10 9.18 2.59
C SER A 976 20.69 8.98 3.97
N LYS A 977 20.48 9.94 4.91
CA LYS A 977 21.02 9.87 6.28
C LYS A 977 20.26 8.85 7.08
N ASP A 978 18.98 8.69 6.73
CA ASP A 978 18.14 7.64 7.32
C ASP A 978 18.77 6.30 7.04
N ILE A 979 19.21 6.10 5.81
CA ILE A 979 19.91 4.85 5.41
C ILE A 979 21.26 4.84 6.12
N GLN A 980 21.92 6.01 6.22
CA GLN A 980 23.15 6.14 6.98
C GLN A 980 22.99 5.68 8.43
N TYR A 981 21.84 5.94 9.08
CA TYR A 981 21.65 5.45 10.45
C TYR A 981 21.92 3.95 10.57
N LEU A 982 21.41 3.19 9.61
CA LEU A 982 21.55 1.74 9.61
C LEU A 982 22.90 1.24 9.28
N LYS A 983 23.59 1.90 8.34
CA LYS A 983 25.00 1.54 8.09
C LYS A 983 25.85 1.63 9.38
N ASP A 984 25.64 2.70 10.14
CA ASP A 984 26.37 2.96 11.39
C ASP A 984 25.90 2.02 12.48
N SER A 985 24.59 1.81 12.61
CA SER A 985 24.10 0.92 13.66
C SER A 985 24.64 -0.49 13.48
N LEU A 986 24.92 -0.88 12.24
CA LEU A 986 25.41 -2.23 11.91
C LEU A 986 26.90 -2.18 11.61
N ALA A 987 27.51 -1.00 11.70
CA ALA A 987 28.95 -0.93 11.67
C ALA A 987 29.47 -1.65 10.43
N LEU A 988 28.82 -1.39 9.30
CA LEU A 988 29.22 -2.02 8.03
C LEU A 988 30.53 -1.44 7.46
N GLY A 989 30.96 -0.26 7.92
CA GLY A 989 32.29 0.31 7.52
C GLY A 989 33.52 -0.28 8.25
N LYS A 990 33.29 -1.34 9.04
CA LYS A 990 34.23 -1.89 10.04
C LYS A 990 34.42 -3.36 9.76
N THR A 991 35.57 -3.93 10.15
CA THR A 991 35.69 -5.37 10.13
C THR A 991 34.66 -5.95 11.12
N GLU A 992 34.34 -7.22 10.92
CA GLU A 992 33.45 -7.92 11.84
C GLU A 992 34.01 -7.91 13.28
N GLU A 993 35.30 -8.19 13.41
CA GLU A 993 35.93 -8.21 14.70
C GLU A 993 35.80 -6.83 15.36
N GLU A 994 36.17 -5.78 14.63
CA GLU A 994 35.96 -4.41 15.10
C GLU A 994 34.48 -4.16 15.40
N ALA A 995 33.60 -4.67 14.59
CA ALA A 995 32.15 -4.47 14.83
C ALA A 995 31.74 -5.07 16.16
N LEU A 996 32.20 -6.31 16.43
CA LEU A 996 31.81 -6.99 17.66
C LEU A 996 32.43 -6.35 18.89
N LYS A 997 33.62 -5.78 18.74
CA LYS A 997 34.26 -5.10 19.86
C LYS A 997 33.55 -3.84 20.27
N HIS A 998 33.05 -3.08 19.31
CA HIS A 998 32.28 -1.86 19.63
C HIS A 998 30.92 -2.21 20.18
N PHE A 999 30.29 -3.23 19.63
CA PHE A 999 29.06 -3.72 20.22
C PHE A 999 29.20 -4.08 21.71
N ARG A 1000 30.34 -4.70 22.03
CA ARG A 1000 30.63 -5.22 23.37
C ARG A 1000 30.71 -4.07 24.36
N VAL A 1001 31.40 -3.03 23.93
CA VAL A 1001 31.56 -1.80 24.67
C VAL A 1001 30.21 -1.13 25.00
N LYS A 1002 29.38 -1.01 24.00
CA LYS A 1002 28.02 -0.49 24.12
C LYS A 1002 27.14 -1.40 24.95
N PHE A 1003 27.29 -2.70 24.76
CA PHE A 1003 26.68 -3.65 25.65
C PHE A 1003 27.10 -3.37 27.11
N ASN A 1004 28.39 -3.24 27.44
CA ASN A 1004 28.77 -3.06 28.82
C ASN A 1004 28.28 -1.73 29.37
N GLU A 1005 28.43 -0.65 28.60
CA GLU A 1005 27.87 0.65 29.01
C GLU A 1005 26.38 0.58 29.28
N ALA A 1006 25.65 -0.14 28.45
CA ALA A 1006 24.24 -0.35 28.74
C ALA A 1006 24.00 -1.12 30.06
N LEU A 1007 24.90 -2.05 30.42
CA LEU A 1007 24.82 -2.71 31.72
C LEU A 1007 25.05 -1.72 32.88
N ARG A 1008 26.03 -0.84 32.76
CA ARG A 1008 26.27 0.19 33.77
C ARG A 1008 25.07 1.11 33.90
N GLU A 1009 24.63 1.62 32.75
CA GLU A 1009 23.48 2.52 32.66
C GLU A 1009 22.22 1.91 33.32
N SER A 1010 22.05 0.61 33.19
CA SER A 1010 20.86 -0.07 33.71
C SER A 1010 20.57 0.23 35.19
N TRP A 1011 21.59 0.17 36.04
CA TRP A 1011 21.47 0.53 37.48
C TRP A 1011 21.14 1.98 37.78
N LYS A 1012 21.70 2.89 37.00
CA LYS A 1012 21.56 4.33 37.23
C LYS A 1012 20.16 4.90 36.94
N THR A 1013 19.46 4.33 35.96
CA THR A 1013 18.05 4.69 35.68
C THR A 1013 17.12 4.22 36.79
N LYS A 1014 17.32 2.97 37.26
CA LYS A 1014 16.49 2.37 38.35
C LYS A 1014 16.53 3.14 39.70
N VAL A 1015 17.66 3.76 40.04
CA VAL A 1015 17.82 4.45 41.34
C VAL A 1015 17.04 5.77 41.41
N GLU B 9 30.23 38.54 14.38
CA GLU B 9 29.00 39.41 14.26
C GLU B 9 28.17 39.61 15.55
N ASP B 10 28.34 38.73 16.53
CA ASP B 10 27.60 38.82 17.80
C ASP B 10 28.40 37.98 18.82
N ASN B 11 27.91 37.84 20.05
CA ASN B 11 28.46 36.83 20.99
C ASN B 11 27.58 35.57 21.10
N ILE B 12 28.16 34.50 21.65
CA ILE B 12 27.58 33.17 21.61
C ILE B 12 26.20 33.08 22.26
N GLU B 13 25.99 33.63 23.44
CA GLU B 13 24.71 33.44 24.11
C GLU B 13 23.62 34.21 23.42
N ALA B 14 24.00 35.35 22.83
CA ALA B 14 23.09 36.14 22.02
C ALA B 14 22.76 35.46 20.73
N VAL B 15 23.75 34.78 20.13
CA VAL B 15 23.44 34.01 18.95
C VAL B 15 22.57 32.81 19.33
N GLY B 16 22.89 32.09 20.40
CA GLY B 16 22.11 30.93 20.86
C GLY B 16 20.64 31.21 21.17
N LYS B 17 20.40 32.36 21.74
CA LYS B 17 19.05 32.77 22.10
C LYS B 17 18.23 33.00 20.82
N LYS B 18 18.83 33.70 19.86
CA LYS B 18 18.18 33.99 18.62
C LYS B 18 17.98 32.70 17.84
N LEU B 19 18.89 31.74 18.00
CA LEU B 19 18.66 30.40 17.42
C LEU B 19 17.39 29.76 18.00
N HIS B 20 17.22 29.84 19.32
CA HIS B 20 16.02 29.34 19.98
C HIS B 20 14.75 30.04 19.45
N GLU B 21 14.81 31.35 19.30
CA GLU B 21 13.69 32.09 18.73
C GLU B 21 13.37 31.70 17.29
N TYR B 22 14.36 31.74 16.43
CA TYR B 22 14.14 31.34 15.03
C TYR B 22 13.69 29.90 14.92
N ASN B 23 14.09 29.03 15.86
CA ASN B 23 13.69 27.61 15.77
C ASN B 23 12.25 27.47 16.16
N THR B 24 11.85 28.29 17.12
CA THR B 24 10.53 28.25 17.66
C THR B 24 9.57 28.75 16.60
N GLN B 25 9.93 29.85 15.97
CA GLN B 25 9.18 30.35 14.81
C GLN B 25 9.15 29.37 13.66
N PHE B 26 10.20 28.59 13.46
CA PHE B 26 10.19 27.59 12.42
C PHE B 26 9.24 26.46 12.70
N GLN B 27 9.22 25.98 13.95
CA GLN B 27 8.34 24.85 14.31
C GLN B 27 6.87 25.21 14.17
N GLU B 28 6.55 26.45 14.56
CA GLU B 28 5.21 27.01 14.49
C GLU B 28 4.74 27.20 13.01
N LYS B 29 5.56 27.80 12.14
CA LYS B 29 5.15 27.93 10.75
C LYS B 29 5.10 26.59 10.09
N SER B 30 5.97 25.67 10.50
CA SER B 30 5.96 24.33 9.99
C SER B 30 4.62 23.63 10.35
N ARG B 31 4.09 23.88 11.55
CA ARG B 31 2.86 23.25 12.01
C ARG B 31 1.67 23.82 11.27
N GLU B 32 1.74 25.11 11.01
CA GLU B 32 0.71 25.81 10.29
C GLU B 32 0.68 25.33 8.86
N TYR B 33 1.84 25.22 8.20
CA TYR B 33 1.89 24.61 6.90
C TYR B 33 1.21 23.23 6.92
N ASP B 34 1.63 22.35 7.83
CA ASP B 34 0.99 20.99 8.01
C ASP B 34 -0.54 21.00 8.17
N ARG B 35 -1.07 22.02 8.84
CA ARG B 35 -2.52 22.25 9.02
C ARG B 35 -3.16 22.46 7.65
N LEU B 36 -2.58 23.36 6.86
CA LEU B 36 -3.04 23.65 5.53
C LEU B 36 -2.86 22.47 4.64
N TYR B 37 -1.70 21.83 4.60
CA TYR B 37 -1.56 20.71 3.69
C TYR B 37 -2.61 19.61 3.97
N GLU B 38 -3.02 19.49 5.23
CA GLU B 38 -4.02 18.53 5.62
C GLU B 38 -5.41 18.91 5.08
N ASP B 39 -5.71 20.20 5.06
CA ASP B 39 -6.97 20.71 4.53
C ASP B 39 -6.99 20.56 3.03
N TYR B 40 -5.89 20.93 2.41
CA TYR B 40 -5.61 20.54 1.04
C TYR B 40 -5.91 19.11 0.68
N THR B 41 -5.48 18.14 1.49
CA THR B 41 -5.59 16.74 1.10
C THR B 41 -7.05 16.34 1.21
N ARG B 42 -7.65 16.68 2.34
CA ARG B 42 -9.02 16.39 2.65
C ARG B 42 -9.99 17.01 1.63
N THR B 43 -9.81 18.30 1.39
CA THR B 43 -10.61 19.07 0.42
C THR B 43 -10.49 18.50 -0.98
N SER B 44 -9.27 18.13 -1.36
CA SER B 44 -9.09 17.42 -2.62
C SER B 44 -9.90 16.12 -2.68
N GLN B 45 -9.93 15.36 -1.57
CA GLN B 45 -10.55 14.04 -1.54
C GLN B 45 -12.10 14.29 -1.67
N GLU B 46 -12.60 15.34 -1.02
CA GLU B 46 -14.00 15.70 -0.98
C GLU B 46 -14.52 16.18 -2.33
N ILE B 47 -13.78 17.07 -2.95
CA ILE B 47 -14.06 17.52 -4.31
C ILE B 47 -14.17 16.38 -5.28
N GLN B 48 -13.28 15.42 -5.16
CA GLN B 48 -13.32 14.28 -6.06
C GLN B 48 -14.56 13.44 -5.79
N MET B 49 -14.89 13.27 -4.51
CA MET B 49 -16.10 12.59 -4.12
C MET B 49 -17.36 13.28 -4.72
N LYS B 50 -17.38 14.62 -4.76
CA LYS B 50 -18.51 15.36 -5.23
C LYS B 50 -18.58 15.21 -6.72
N ARG B 51 -17.46 15.40 -7.39
CA ARG B 51 -17.39 15.11 -8.83
C ARG B 51 -17.92 13.73 -9.24
N THR B 52 -17.46 12.65 -8.59
CA THR B 52 -18.07 11.32 -8.82
C THR B 52 -19.59 11.21 -8.47
N ALA B 53 -20.04 11.98 -7.50
CA ALA B 53 -21.42 12.02 -7.12
C ALA B 53 -22.23 12.72 -8.23
N ILE B 54 -21.67 13.79 -8.80
CA ILE B 54 -22.25 14.49 -9.91
C ILE B 54 -22.40 13.52 -11.09
N GLU B 55 -21.36 12.80 -11.43
CA GLU B 55 -21.50 11.68 -12.37
C GLU B 55 -22.67 10.67 -12.04
N ALA B 56 -22.95 10.38 -10.77
CA ALA B 56 -23.96 9.40 -10.37
C ALA B 56 -25.35 9.99 -10.56
N PHE B 57 -25.51 11.28 -10.29
CA PHE B 57 -26.67 12.02 -10.62
C PHE B 57 -26.90 11.95 -12.11
N ASN B 58 -25.85 12.18 -12.88
CA ASN B 58 -25.95 12.18 -14.31
C ASN B 58 -26.36 10.83 -14.85
N GLU B 59 -25.81 9.77 -14.30
CA GLU B 59 -26.17 8.44 -14.74
C GLU B 59 -27.63 8.10 -14.33
N THR B 60 -28.11 8.72 -13.27
CA THR B 60 -29.39 8.39 -12.69
C THR B 60 -30.44 9.03 -13.59
N ILE B 61 -30.32 10.36 -13.77
CA ILE B 61 -31.03 11.17 -14.73
C ILE B 61 -31.04 10.51 -16.10
N LYS B 62 -29.90 9.98 -16.51
CA LYS B 62 -29.86 9.33 -17.85
C LYS B 62 -30.88 8.19 -17.84
N ILE B 63 -30.87 7.43 -16.76
CA ILE B 63 -31.79 6.31 -16.60
C ILE B 63 -33.31 6.69 -16.66
N PHE B 64 -33.67 7.80 -16.03
CA PHE B 64 -34.95 8.33 -16.09
C PHE B 64 -35.39 8.73 -17.52
N GLU B 65 -34.44 9.19 -18.31
CA GLU B 65 -34.69 9.66 -19.67
C GLU B 65 -34.91 8.50 -20.59
N GLU B 66 -34.22 7.37 -20.38
CA GLU B 66 -34.54 6.13 -21.12
C GLU B 66 -35.90 5.65 -20.74
N GLN B 67 -36.25 5.79 -19.47
CA GLN B 67 -37.57 5.38 -19.05
C GLN B 67 -38.60 6.24 -19.78
N CYS B 68 -38.35 7.53 -19.94
CA CYS B 68 -39.27 8.39 -20.68
C CYS B 68 -39.41 7.97 -22.14
N GLN B 69 -38.29 7.84 -22.81
CA GLN B 69 -38.24 7.30 -24.18
C GLN B 69 -39.02 6.00 -24.30
N THR B 70 -38.82 5.08 -23.35
CA THR B 70 -39.59 3.80 -23.32
C THR B 70 -41.08 3.96 -23.18
N GLN B 71 -41.44 4.83 -22.27
CA GLN B 71 -42.84 5.17 -22.09
C GLN B 71 -43.50 5.71 -23.40
N GLU B 72 -42.84 6.61 -24.11
CA GLU B 72 -43.44 7.15 -25.34
C GLU B 72 -43.53 6.05 -26.44
N ARG B 73 -42.45 5.34 -26.74
CA ARG B 73 -42.55 4.19 -27.67
C ARG B 73 -43.64 3.19 -27.27
N TYR B 74 -43.51 2.65 -26.08
CA TYR B 74 -44.27 1.50 -25.69
C TYR B 74 -45.75 1.84 -25.55
N SER B 75 -46.06 2.99 -24.95
CA SER B 75 -47.43 3.34 -24.63
C SER B 75 -48.29 3.51 -25.89
N LYS B 76 -47.74 4.19 -26.89
CA LYS B 76 -48.43 4.55 -28.18
C LYS B 76 -49.58 3.54 -28.53
N GLU B 77 -49.18 2.31 -28.83
CA GLU B 77 -50.09 1.17 -29.12
C GLU B 77 -51.29 1.14 -28.17
N TYR B 78 -50.97 1.08 -26.87
CA TYR B 78 -51.97 0.97 -25.80
C TYR B 78 -52.85 2.19 -25.56
N ILE B 79 -52.44 3.37 -26.03
CA ILE B 79 -53.36 4.47 -25.99
C ILE B 79 -54.36 4.32 -27.17
N GLU B 80 -53.89 4.01 -28.38
CA GLU B 80 -54.82 3.83 -29.53
C GLU B 80 -55.68 2.53 -29.48
N LYS B 81 -55.14 1.48 -28.85
CA LYS B 81 -55.89 0.24 -28.58
C LYS B 81 -56.97 0.39 -27.46
N PHE B 82 -56.82 1.40 -26.60
CA PHE B 82 -57.81 1.74 -25.54
C PHE B 82 -58.85 2.79 -25.97
N LYS B 83 -58.53 3.57 -27.01
CA LYS B 83 -59.41 4.60 -27.52
C LYS B 83 -60.62 3.95 -28.23
N ARG B 84 -60.33 2.95 -29.06
CA ARG B 84 -61.37 2.20 -29.79
C ARG B 84 -62.29 1.48 -28.80
N GLU B 85 -61.69 0.78 -27.82
CA GLU B 85 -62.42 0.06 -26.76
C GLU B 85 -62.98 0.93 -25.60
N GLY B 86 -63.05 2.26 -25.77
CA GLY B 86 -63.73 3.14 -24.82
C GLY B 86 -63.01 3.38 -23.50
N ASN B 87 -61.77 2.87 -23.35
CA ASN B 87 -60.96 2.98 -22.12
C ASN B 87 -60.08 4.24 -22.11
N GLU B 88 -60.71 5.39 -22.33
CA GLU B 88 -60.13 6.65 -21.90
C GLU B 88 -59.72 6.64 -20.39
N THR B 89 -60.18 5.63 -19.64
CA THR B 89 -59.77 5.37 -18.27
C THR B 89 -58.36 4.79 -18.13
N GLU B 90 -58.09 3.67 -18.79
CA GLU B 90 -56.78 3.10 -18.83
C GLU B 90 -55.79 4.09 -19.41
N ILE B 91 -56.22 4.92 -20.37
CA ILE B 91 -55.31 5.86 -21.06
C ILE B 91 -54.88 6.93 -20.10
N GLN B 92 -55.87 7.41 -19.36
CA GLN B 92 -55.67 8.39 -18.28
C GLN B 92 -54.69 7.87 -17.25
N ARG B 93 -54.84 6.59 -16.89
CA ARG B 93 -53.93 6.00 -15.86
C ARG B 93 -52.44 6.01 -16.30
N ILE B 94 -52.18 5.51 -17.51
CA ILE B 94 -50.84 5.56 -18.15
C ILE B 94 -50.30 6.99 -18.14
N MET B 95 -51.08 7.94 -18.61
CA MET B 95 -50.60 9.33 -18.70
C MET B 95 -50.38 10.00 -17.38
N HIS B 96 -51.22 9.74 -16.39
CA HIS B 96 -50.90 10.31 -15.06
C HIS B 96 -49.64 9.66 -14.41
N ASN B 97 -49.52 8.33 -14.55
CA ASN B 97 -48.32 7.57 -14.20
C ASN B 97 -47.11 8.19 -14.86
N TYR B 98 -47.19 8.42 -16.17
CA TYR B 98 -46.14 9.13 -16.86
C TYR B 98 -45.85 10.49 -16.27
N GLU B 99 -46.89 11.24 -16.00
CA GLU B 99 -46.70 12.60 -15.46
C GLU B 99 -45.95 12.58 -14.10
N LYS B 100 -46.14 11.48 -13.36
CA LYS B 100 -45.52 11.26 -12.07
C LYS B 100 -43.97 10.99 -12.24
N LEU B 101 -43.59 10.13 -13.19
CA LEU B 101 -42.18 10.00 -13.68
C LEU B 101 -41.51 11.29 -13.99
N LYS B 102 -42.20 12.16 -14.72
CA LYS B 102 -41.62 13.45 -15.04
C LYS B 102 -41.34 14.34 -13.84
N SER B 103 -42.28 14.44 -12.90
CA SER B 103 -42.07 15.37 -11.77
C SER B 103 -40.90 14.90 -10.86
N ARG B 104 -40.69 13.60 -10.85
CA ARG B 104 -39.60 13.04 -10.12
C ARG B 104 -38.25 13.40 -10.75
N ILE B 105 -38.18 13.42 -12.08
CA ILE B 105 -36.94 13.84 -12.74
C ILE B 105 -36.59 15.25 -12.26
N SER B 106 -37.55 16.16 -12.23
CA SER B 106 -37.25 17.55 -11.80
C SER B 106 -36.64 17.66 -10.39
N GLU B 107 -37.08 16.79 -9.48
CA GLU B 107 -36.50 16.71 -8.16
C GLU B 107 -35.04 16.27 -8.23
N ILE B 108 -34.78 15.21 -8.98
CA ILE B 108 -33.45 14.65 -9.09
C ILE B 108 -32.55 15.75 -9.68
N VAL B 109 -33.02 16.37 -10.75
CA VAL B 109 -32.29 17.49 -11.33
C VAL B 109 -32.01 18.59 -10.31
N ASP B 110 -33.00 18.96 -9.52
CA ASP B 110 -32.81 20.01 -8.52
C ASP B 110 -31.67 19.61 -7.54
N SER B 111 -31.64 18.36 -7.11
CA SER B 111 -30.55 17.90 -6.27
C SER B 111 -29.24 17.95 -7.00
N ARG B 112 -29.16 17.46 -8.24
CA ARG B 112 -27.90 17.58 -9.01
C ARG B 112 -27.34 19.00 -8.94
N ARG B 113 -28.20 20.00 -9.13
CA ARG B 113 -27.79 21.39 -9.13
C ARG B 113 -27.28 21.88 -7.77
N ARG B 114 -27.91 21.45 -6.67
CA ARG B 114 -27.46 21.82 -5.33
C ARG B 114 -25.98 21.37 -5.16
N LEU B 115 -25.71 20.12 -5.52
CA LEU B 115 -24.37 19.56 -5.52
C LEU B 115 -23.38 20.39 -6.29
N GLU B 116 -23.68 20.73 -7.54
CA GLU B 116 -22.77 21.53 -8.38
C GLU B 116 -22.46 22.89 -7.83
N GLU B 117 -23.44 23.45 -7.13
CA GLU B 117 -23.24 24.68 -6.43
C GLU B 117 -22.29 24.46 -5.26
N ASP B 118 -22.39 23.32 -4.57
CA ASP B 118 -21.50 23.02 -3.44
C ASP B 118 -20.10 22.79 -3.93
N LEU B 119 -19.98 22.09 -5.06
CA LEU B 119 -18.69 21.77 -5.64
C LEU B 119 -18.03 23.06 -6.07
N LYS B 120 -18.84 24.00 -6.54
CA LYS B 120 -18.33 25.30 -6.93
C LYS B 120 -17.71 26.03 -5.73
N LYS B 121 -18.45 26.16 -4.64
CA LYS B 121 -17.92 26.84 -3.41
C LYS B 121 -16.65 26.18 -2.88
N GLN B 122 -16.59 24.86 -2.96
CA GLN B 122 -15.47 24.09 -2.53
C GLN B 122 -14.31 24.10 -3.51
N ALA B 123 -14.56 24.28 -4.80
CA ALA B 123 -13.43 24.35 -5.71
C ALA B 123 -12.67 25.59 -5.33
N ALA B 124 -13.43 26.64 -5.03
CA ALA B 124 -12.87 27.94 -4.68
C ALA B 124 -12.09 27.91 -3.36
N GLU B 125 -12.61 27.14 -2.39
CA GLU B 125 -11.93 26.92 -1.10
C GLU B 125 -10.57 26.31 -1.33
N TYR B 126 -10.50 25.28 -2.18
CA TYR B 126 -9.28 24.61 -2.61
C TYR B 126 -8.24 25.60 -3.13
N ARG B 127 -8.66 26.55 -3.93
CA ARG B 127 -7.75 27.52 -4.47
C ARG B 127 -7.27 28.50 -3.44
N GLU B 128 -8.12 28.87 -2.47
CA GLU B 128 -7.70 29.81 -1.42
C GLU B 128 -6.64 29.11 -0.48
N ILE B 129 -6.86 27.84 -0.15
CA ILE B 129 -5.91 27.07 0.58
C ILE B 129 -4.53 26.99 -0.12
N ASP B 130 -4.52 26.61 -1.39
CA ASP B 130 -3.29 26.54 -2.20
C ASP B 130 -2.63 27.92 -2.27
N LYS B 131 -3.43 28.96 -2.26
CA LYS B 131 -2.90 30.32 -2.25
C LYS B 131 -2.26 30.65 -0.90
N ARG B 132 -2.90 30.22 0.17
CA ARG B 132 -2.36 30.46 1.51
C ARG B 132 -1.13 29.62 1.79
N MET B 133 -1.12 28.37 1.34
CA MET B 133 0.07 27.56 1.31
C MET B 133 1.20 28.22 0.59
N ASN B 134 0.90 28.87 -0.53
CA ASN B 134 1.91 29.53 -1.30
C ASN B 134 2.37 30.82 -0.71
N SER B 135 1.62 31.44 0.19
CA SER B 135 2.08 32.71 0.77
C SER B 135 2.96 32.46 2.04
N ILE B 136 2.97 31.21 2.50
CA ILE B 136 3.60 30.78 3.72
C ILE B 136 4.95 30.20 3.42
N LYS B 137 5.03 29.40 2.36
CA LYS B 137 6.24 28.73 1.96
C LYS B 137 7.49 29.62 2.00
N PRO B 138 7.44 30.83 1.46
CA PRO B 138 8.62 31.71 1.55
C PRO B 138 9.19 31.91 2.95
N ASP B 139 8.32 32.12 3.92
CA ASP B 139 8.70 32.33 5.30
C ASP B 139 9.20 31.05 5.91
N LEU B 140 8.48 29.98 5.62
CA LEU B 140 8.87 28.65 6.03
C LEU B 140 10.28 28.38 5.59
N ILE B 141 10.56 28.57 4.31
CA ILE B 141 11.84 28.26 3.74
C ILE B 141 12.89 29.19 4.33
N GLN B 142 12.54 30.45 4.49
CA GLN B 142 13.47 31.44 5.02
C GLN B 142 13.84 31.16 6.48
N LEU B 143 12.87 30.74 7.27
CA LEU B 143 13.08 30.35 8.64
C LEU B 143 13.94 29.12 8.82
N ARG B 144 13.70 28.05 8.05
CA ARG B 144 14.56 26.89 8.06
C ARG B 144 16.05 27.27 7.83
N LYS B 145 16.28 28.18 6.91
CA LYS B 145 17.61 28.54 6.47
C LYS B 145 18.37 29.38 7.44
N THR B 146 17.67 30.40 7.96
CA THR B 146 18.16 31.28 8.97
C THR B 146 18.54 30.43 10.23
N ARG B 147 17.67 29.53 10.61
CA ARG B 147 17.95 28.63 11.66
C ARG B 147 19.17 27.83 11.41
N ASP B 148 19.32 27.33 10.20
CA ASP B 148 20.43 26.46 9.87
C ASP B 148 21.77 27.24 9.86
N GLN B 149 21.72 28.49 9.43
CA GLN B 149 22.90 29.35 9.45
C GLN B 149 23.32 29.69 10.88
N TYR B 150 22.38 29.78 11.80
CA TYR B 150 22.75 30.09 13.17
C TYR B 150 23.39 28.86 13.78
N LEU B 151 22.85 27.68 13.48
CA LEU B 151 23.45 26.43 13.93
C LEU B 151 24.90 26.29 13.45
N MET B 152 25.11 26.58 12.17
CA MET B 152 26.41 26.60 11.54
C MET B 152 27.36 27.57 12.21
N TRP B 153 26.93 28.80 12.41
CA TRP B 153 27.81 29.74 12.98
C TRP B 153 28.24 29.25 14.38
N LEU B 154 27.31 28.66 15.12
CA LEU B 154 27.61 28.16 16.48
C LEU B 154 28.49 26.94 16.46
N THR B 155 28.25 26.03 15.52
CA THR B 155 29.13 24.88 15.40
C THR B 155 30.62 25.22 15.12
N GLN B 156 30.83 26.29 14.35
CA GLN B 156 32.14 26.66 13.90
C GLN B 156 32.78 27.32 15.06
N LYS B 157 31.97 28.03 15.85
CA LYS B 157 32.48 28.63 17.06
C LYS B 157 32.87 27.59 18.14
N GLY B 158 32.58 26.32 17.88
CA GLY B 158 32.91 25.20 18.82
C GLY B 158 31.95 24.99 19.96
N VAL B 159 30.69 25.38 19.77
CA VAL B 159 29.71 25.21 20.83
C VAL B 159 29.27 23.75 20.83
N ARG B 160 29.29 23.16 22.03
CA ARG B 160 29.02 21.73 22.22
C ARG B 160 27.56 21.44 21.90
N GLN B 161 27.31 20.18 21.58
CA GLN B 161 26.01 19.68 21.22
C GLN B 161 24.91 19.85 22.30
N LYS B 162 25.30 19.74 23.57
CA LYS B 162 24.39 19.92 24.71
C LYS B 162 23.75 21.31 24.69
N LYS B 163 24.57 22.34 24.47
CA LYS B 163 24.07 23.71 24.40
C LYS B 163 23.12 23.90 23.20
N LEU B 164 23.48 23.31 22.05
CA LEU B 164 22.71 23.48 20.84
C LEU B 164 21.36 22.79 21.05
N ASN B 165 21.37 21.64 21.71
CA ASN B 165 20.15 20.95 22.12
C ASN B 165 19.19 21.71 23.03
N GLU B 166 19.67 22.34 24.10
CA GLU B 166 18.78 23.22 24.90
C GLU B 166 18.08 24.24 23.98
N TRP B 167 18.87 25.00 23.22
CA TRP B 167 18.37 26.10 22.38
C TRP B 167 17.38 25.68 21.34
N LEU B 168 17.57 24.51 20.76
CA LEU B 168 16.60 23.99 19.83
C LEU B 168 15.32 23.56 20.60
N GLY B 169 14.41 24.51 20.80
CA GLY B 169 13.13 24.27 21.50
C GLY B 169 13.30 23.99 22.98
#